data_4HST
#
_entry.id   4HST
#
_cell.length_a   68.385
_cell.length_b   77.845
_cell.length_c   191.990
_cell.angle_alpha   90.00
_cell.angle_beta   90.00
_cell.angle_gamma   90.00
#
_symmetry.space_group_name_H-M   'P 21 21 21'
#
loop_
_entity.id
_entity.type
_entity.pdbx_description
1 polymer 'glutaryl-7-aminocephalosporanic acid acylase alpha chain'
2 polymer 'glutaryl-7-aminocephalosporanic acid acylase beta chain'
3 non-polymer 5,5-dihydroxy-L-norvaline
4 water water
#
loop_
_entity_poly.entity_id
_entity_poly.type
_entity_poly.pdbx_seq_one_letter_code
_entity_poly.pdbx_strand_id
1 'polypeptide(L)'
;MTMAANTDRAVLQAALPPLSGSLPIPGLSASVRVRRDAWGIPHIKASGEADAYRALGFVHSQDRLFQMELTRRKALGRAA
EWLGAEAAEADILVRRLGMEKVCRRDFEALGVEAKDMLRAYVAGVNAFLASGAPLPVEYGLLGAEPEPWEPWHSIAVMRR
LGLLMGSVWFKLWRMLALPVVGAANALKLRYDDGGRDLLCIPPGAEADRLEADLATLRPAVDALLKAMG
;
A
2 'polypeptide(L)'
;SNNWAVAPGRTATGRPILAGDPHRVFEIPGFYAQHHLACDRFDMIGLTVPGVPGFPSFAHNGKVAYCVTSAFMDIHDLYL
EQFAGEGRTARFGNDFEPVAWSRDRIAVRGGADREFDIVETRHGPVIAGDPRDGAALTLRSVQFAETDLSFDCLTRMPGA
STVAQLYDATRGWGLIDHNLVAGDVAGSIGHLVRARVPSRPRENGWLPVPGWSGEHEWRGWIPHEAMPRVIDPPGGIIVT
ANNRVVADDHPDYLCTDCHPPYRAERIMKRLVANPAFAVDDAAAIHADTLSPHVGLLRRRLEALGARDDSAAEGLRQMLV
AWDGRMDAASEVASAYNAFRRALTRLVTDRSGLEQAISHPFAAVAPGVSPQGQVWWAVPTLLRDDDAGMLKGWSWDQALS
EALSVASQNLTGRSWGEEHRPRFTHPLATQFPAWAGLLNPASRPIGGDGDTVLANGLVPSAGPQATYGALSRYVFDVGNW
DNSRWVVFHGASGHPASAHYADQNAPWSDCAMVPMLYSWDRIAAEAVTSQELVPALEHHHHHH
;
B
#
# COMPACT_ATOMS: atom_id res chain seq x y z
N ALA A 14 -20.65 25.21 12.01
CA ALA A 14 -22.04 24.83 11.60
C ALA A 14 -22.06 23.68 10.59
N ALA A 15 -20.98 23.48 9.84
CA ALA A 15 -20.92 22.34 8.90
C ALA A 15 -20.05 21.12 9.41
N LEU A 16 -19.69 21.23 10.69
CA LEU A 16 -18.90 20.19 11.37
C LEU A 16 -19.76 19.50 12.45
N PRO A 17 -19.53 18.19 12.71
CA PRO A 17 -20.41 17.50 13.72
C PRO A 17 -19.94 17.85 15.16
N PRO A 18 -20.87 17.81 16.08
CA PRO A 18 -20.55 18.21 17.48
C PRO A 18 -19.60 17.22 18.15
N LEU A 19 -18.49 17.74 18.73
CA LEU A 19 -17.53 16.87 19.37
C LEU A 19 -17.49 17.01 20.90
N SER A 20 -18.44 17.76 21.45
CA SER A 20 -18.53 17.91 22.89
CA SER A 20 -18.55 17.93 22.89
CA SER A 20 -18.51 17.86 22.88
C SER A 20 -19.92 17.45 23.38
N GLY A 21 -20.24 17.67 24.67
CA GLY A 21 -21.57 17.29 25.18
C GLY A 21 -21.78 15.81 25.27
N SER A 22 -22.98 15.37 24.91
CA SER A 22 -23.35 13.92 25.03
CA SER A 22 -23.47 14.02 25.12
C SER A 22 -24.20 13.62 23.80
N LEU A 23 -24.03 12.39 23.33
CA LEU A 23 -24.77 11.86 22.17
C LEU A 23 -25.17 10.43 22.50
N PRO A 24 -26.37 10.02 22.12
CA PRO A 24 -26.83 8.64 22.35
C PRO A 24 -26.38 7.63 21.28
N ILE A 25 -26.10 6.40 21.73
CA ILE A 25 -25.83 5.29 20.84
C ILE A 25 -26.73 4.12 21.30
N PRO A 26 -27.71 3.73 20.46
CA PRO A 26 -28.57 2.60 20.88
C PRO A 26 -27.71 1.35 21.00
N GLY A 27 -27.93 0.57 22.05
CA GLY A 27 -27.09 -0.61 22.18
C GLY A 27 -25.89 -0.52 23.08
N LEU A 28 -25.41 0.70 23.41
CA LEU A 28 -24.42 0.82 24.43
C LEU A 28 -24.90 0.31 25.76
N SER A 29 -23.99 -0.37 26.48
CA SER A 29 -24.25 -0.89 27.87
C SER A 29 -23.96 0.14 28.92
N ALA A 30 -22.95 0.94 28.67
CA ALA A 30 -22.55 1.98 29.62
C ALA A 30 -22.02 3.18 28.83
N SER A 31 -21.76 4.33 29.49
CA SER A 31 -21.13 5.49 28.79
CA SER A 31 -21.15 5.49 28.80
C SER A 31 -19.77 5.16 28.27
N VAL A 32 -19.41 5.87 27.20
CA VAL A 32 -18.03 5.86 26.66
C VAL A 32 -17.58 7.28 26.63
N ARG A 33 -16.34 7.53 27.07
CA ARG A 33 -15.81 8.90 27.09
C ARG A 33 -14.83 9.03 25.90
N VAL A 34 -14.99 10.08 25.10
CA VAL A 34 -14.07 10.33 23.98
C VAL A 34 -13.40 11.69 24.19
N ARG A 35 -12.08 11.66 24.36
CA ARG A 35 -11.31 12.89 24.61
C ARG A 35 -10.41 13.11 23.39
N ARG A 36 -10.43 14.32 22.82
CA ARG A 36 -9.50 14.63 21.73
C ARG A 36 -8.42 15.50 22.28
N ASP A 37 -7.20 15.18 21.84
CA ASP A 37 -6.01 15.90 22.26
C ASP A 37 -5.75 17.17 21.38
N ALA A 38 -4.63 17.85 21.58
CA ALA A 38 -4.40 19.09 20.87
C ALA A 38 -4.33 18.95 19.33
N TRP A 39 -4.14 17.71 18.85
CA TRP A 39 -4.11 17.44 17.42
C TRP A 39 -5.41 16.83 16.95
N GLY A 40 -6.47 16.83 17.77
CA GLY A 40 -7.73 16.24 17.39
C GLY A 40 -7.77 14.74 17.42
N ILE A 41 -6.70 14.10 17.95
CA ILE A 41 -6.64 12.61 17.91
C ILE A 41 -7.61 12.08 19.01
N PRO A 42 -8.51 11.14 18.69
CA PRO A 42 -9.47 10.65 19.73
C PRO A 42 -8.92 9.52 20.57
N HIS A 43 -9.05 9.70 21.86
CA HIS A 43 -8.78 8.67 22.90
C HIS A 43 -10.08 8.26 23.52
N ILE A 44 -10.43 6.97 23.26
CA ILE A 44 -11.78 6.46 23.51
C ILE A 44 -11.69 5.47 24.69
N LYS A 45 -12.45 5.72 25.75
CA LYS A 45 -12.37 4.84 26.99
C LYS A 45 -13.78 4.33 27.24
N ALA A 46 -13.92 3.02 27.08
CA ALA A 46 -15.19 2.31 27.28
C ALA A 46 -15.03 1.32 28.43
N SER A 47 -16.16 0.75 28.88
CA SER A 47 -16.15 -0.37 29.83
CA SER A 47 -16.15 -0.33 29.85
C SER A 47 -16.04 -1.68 29.09
N GLY A 48 -17.09 -2.12 28.46
CA GLY A 48 -16.95 -3.41 27.78
C GLY A 48 -16.46 -3.28 26.31
N GLU A 49 -16.09 -4.42 25.76
CA GLU A 49 -15.57 -4.51 24.40
C GLU A 49 -16.61 -4.13 23.31
N ALA A 50 -17.89 -4.59 23.43
CA ALA A 50 -18.94 -4.19 22.44
C ALA A 50 -19.09 -2.71 22.45
N ASP A 51 -19.08 -2.09 23.65
CA ASP A 51 -19.22 -0.59 23.68
C ASP A 51 -18.00 0.05 23.02
N ALA A 52 -16.81 -0.50 23.25
CA ALA A 52 -15.57 0.06 22.61
C ALA A 52 -15.73 0.08 21.05
N TYR A 53 -16.21 -1.03 20.47
CA TYR A 53 -16.31 -1.08 18.99
C TYR A 53 -17.46 -0.23 18.51
N ARG A 54 -18.59 -0.12 19.27
CA ARG A 54 -19.66 0.80 18.89
C ARG A 54 -19.08 2.21 18.85
N ALA A 55 -18.35 2.59 19.94
CA ALA A 55 -17.74 3.94 19.98
C ALA A 55 -16.76 4.20 18.84
N LEU A 56 -15.98 3.21 18.49
CA LEU A 56 -14.99 3.41 17.45
C LEU A 56 -15.71 3.66 16.08
N GLY A 57 -16.81 2.90 15.81
CA GLY A 57 -17.56 3.14 14.56
C GLY A 57 -18.14 4.57 14.57
N PHE A 58 -18.63 5.03 15.74
CA PHE A 58 -19.23 6.38 15.80
C PHE A 58 -18.13 7.44 15.59
N VAL A 59 -17.01 7.25 16.24
CA VAL A 59 -15.86 8.23 16.23
C VAL A 59 -15.20 8.23 14.84
N HIS A 60 -15.02 7.05 14.23
CA HIS A 60 -14.53 7.05 12.81
C HIS A 60 -15.52 7.90 11.97
N SER A 61 -16.84 7.73 12.12
CA SER A 61 -17.78 8.46 11.26
C SER A 61 -17.74 9.96 11.52
N GLN A 62 -17.51 10.39 12.80
CA GLN A 62 -17.51 11.85 13.09
C GLN A 62 -16.35 12.49 12.27
N ASP A 63 -15.20 11.82 12.13
CA ASP A 63 -14.07 12.51 11.48
C ASP A 63 -13.91 12.14 10.03
N ARG A 64 -14.43 10.98 9.65
CA ARG A 64 -14.02 10.36 8.31
C ARG A 64 -15.26 9.72 7.59
N LEU A 65 -16.51 10.11 7.84
CA LEU A 65 -17.58 9.46 7.13
C LEU A 65 -17.48 9.50 5.59
N PHE A 66 -17.10 10.66 4.98
CA PHE A 66 -17.01 10.63 3.50
C PHE A 66 -15.97 9.61 3.05
N GLN A 67 -14.79 9.61 3.71
CA GLN A 67 -13.76 8.58 3.38
C GLN A 67 -14.28 7.15 3.48
N MET A 68 -15.00 6.90 4.58
CA MET A 68 -15.56 5.53 4.82
C MET A 68 -16.51 5.17 3.70
N GLU A 69 -17.44 6.05 3.33
CA GLU A 69 -18.44 5.67 2.33
C GLU A 69 -17.80 5.64 0.96
N LEU A 70 -16.90 6.57 0.65
CA LEU A 70 -16.27 6.52 -0.68
C LEU A 70 -15.45 5.23 -0.78
N THR A 71 -14.73 4.81 0.28
CA THR A 71 -13.92 3.58 0.19
CA THR A 71 -13.93 3.61 0.14
C THR A 71 -14.88 2.34 0.07
N ARG A 72 -16.00 2.33 0.78
CA ARG A 72 -16.95 1.22 0.62
C ARG A 72 -17.51 1.29 -0.83
N ARG A 73 -17.87 2.46 -1.40
CA ARG A 73 -18.35 2.49 -2.78
C ARG A 73 -17.28 1.96 -3.70
N LYS A 74 -15.99 2.33 -3.51
CA LYS A 74 -14.95 1.80 -4.40
C LYS A 74 -14.86 0.27 -4.27
N ALA A 75 -15.13 -0.28 -3.11
CA ALA A 75 -15.01 -1.74 -2.95
C ALA A 75 -16.21 -2.38 -3.66
N LEU A 76 -17.38 -1.75 -3.63
CA LEU A 76 -18.62 -2.37 -4.11
C LEU A 76 -18.98 -1.94 -5.52
N GLY A 77 -18.12 -1.20 -6.19
CA GLY A 77 -18.37 -0.90 -7.61
C GLY A 77 -19.43 0.17 -7.77
N ARG A 78 -19.53 1.05 -6.79
CA ARG A 78 -20.52 2.15 -6.81
C ARG A 78 -19.84 3.54 -6.75
N ALA A 79 -18.51 3.56 -6.92
CA ALA A 79 -17.82 4.87 -6.79
C ALA A 79 -18.06 5.77 -8.03
N ALA A 80 -18.39 5.21 -9.21
CA ALA A 80 -18.62 6.09 -10.40
C ALA A 80 -19.95 6.87 -10.21
N GLU A 81 -20.78 6.44 -9.29
CA GLU A 81 -21.97 7.24 -8.94
C GLU A 81 -21.60 8.58 -8.31
N TRP A 82 -20.44 8.63 -7.67
CA TRP A 82 -19.94 9.92 -7.11
C TRP A 82 -18.87 10.57 -7.95
N LEU A 83 -17.99 9.74 -8.59
CA LEU A 83 -16.77 10.29 -9.24
C LEU A 83 -16.90 10.42 -10.78
N GLY A 84 -17.96 9.82 -11.36
CA GLY A 84 -18.12 9.87 -12.80
C GLY A 84 -17.33 8.82 -13.53
N ALA A 85 -17.25 8.99 -14.84
CA ALA A 85 -16.63 7.99 -15.75
C ALA A 85 -15.20 7.60 -15.36
N GLU A 86 -14.43 8.49 -14.73
CA GLU A 86 -13.03 8.12 -14.41
C GLU A 86 -12.99 6.84 -13.53
N ALA A 87 -14.06 6.57 -12.78
CA ALA A 87 -14.08 5.44 -11.83
C ALA A 87 -14.86 4.23 -12.43
N ALA A 88 -15.36 4.31 -13.68
CA ALA A 88 -16.26 3.26 -14.24
C ALA A 88 -15.47 1.94 -14.35
N GLU A 89 -14.26 1.99 -14.97
CA GLU A 89 -13.53 0.72 -15.19
C GLU A 89 -13.08 0.07 -13.85
N ALA A 90 -12.69 0.88 -12.85
CA ALA A 90 -12.35 0.29 -11.57
C ALA A 90 -13.66 -0.36 -10.95
N ASP A 91 -14.85 0.27 -11.05
CA ASP A 91 -16.08 -0.35 -10.51
C ASP A 91 -16.36 -1.67 -11.19
N ILE A 92 -16.22 -1.71 -12.53
CA ILE A 92 -16.47 -2.99 -13.25
C ILE A 92 -15.50 -4.11 -12.80
N LEU A 93 -14.27 -3.74 -12.52
CA LEU A 93 -13.24 -4.75 -12.12
C LEU A 93 -13.66 -5.32 -10.74
N VAL A 94 -14.00 -4.48 -9.72
CA VAL A 94 -14.37 -5.09 -8.43
C VAL A 94 -15.66 -5.87 -8.51
N ARG A 95 -16.60 -5.51 -9.42
CA ARG A 95 -17.80 -6.34 -9.56
C ARG A 95 -17.39 -7.71 -10.11
N ARG A 96 -16.44 -7.72 -11.06
CA ARG A 96 -15.99 -8.99 -11.68
C ARG A 96 -15.21 -9.81 -10.68
N LEU A 97 -14.51 -9.13 -9.74
CA LEU A 97 -13.79 -9.92 -8.70
C LEU A 97 -14.72 -10.51 -7.64
N GLY A 98 -15.95 -9.99 -7.56
CA GLY A 98 -17.02 -10.52 -6.66
C GLY A 98 -16.83 -10.07 -5.22
N MET A 99 -16.58 -8.79 -5.04
CA MET A 99 -16.35 -8.24 -3.69
CA MET A 99 -16.35 -8.25 -3.70
C MET A 99 -17.46 -8.61 -2.68
N GLU A 100 -18.73 -8.36 -3.05
CA GLU A 100 -19.83 -8.58 -2.09
C GLU A 100 -19.87 -10.08 -1.73
N LYS A 101 -19.80 -10.94 -2.74
CA LYS A 101 -19.85 -12.40 -2.52
CA LYS A 101 -19.86 -12.39 -2.49
C LYS A 101 -18.76 -12.84 -1.56
N VAL A 102 -17.48 -12.40 -1.77
CA VAL A 102 -16.37 -12.94 -0.92
C VAL A 102 -16.44 -12.29 0.49
N CYS A 103 -16.90 -11.04 0.61
CA CYS A 103 -16.99 -10.43 1.97
C CYS A 103 -18.17 -11.08 2.75
N ARG A 104 -19.31 -11.42 2.11
CA ARG A 104 -20.40 -12.10 2.83
C ARG A 104 -19.98 -13.52 3.19
N ARG A 105 -19.22 -14.17 2.28
CA ARG A 105 -18.66 -15.51 2.54
C ARG A 105 -17.81 -15.50 3.84
N ASP A 106 -16.85 -14.56 3.86
CA ASP A 106 -15.94 -14.45 4.96
C ASP A 106 -16.75 -14.16 6.23
N PHE A 107 -17.65 -13.18 6.25
CA PHE A 107 -18.37 -12.87 7.44
C PHE A 107 -19.06 -14.11 8.01
N GLU A 108 -19.74 -14.88 7.13
CA GLU A 108 -20.55 -16.04 7.63
C GLU A 108 -19.62 -17.06 8.35
N ALA A 109 -18.33 -17.13 7.92
CA ALA A 109 -17.37 -18.12 8.46
C ALA A 109 -16.63 -17.66 9.70
N LEU A 110 -16.74 -16.39 10.03
CA LEU A 110 -16.05 -15.87 11.25
C LEU A 110 -16.62 -16.45 12.55
N GLY A 111 -15.76 -16.40 13.57
CA GLY A 111 -16.13 -16.82 14.94
C GLY A 111 -17.11 -15.80 15.52
N VAL A 112 -17.78 -16.18 16.59
CA VAL A 112 -18.77 -15.29 17.28
CA VAL A 112 -18.76 -15.28 17.23
C VAL A 112 -18.12 -13.95 17.71
N GLU A 113 -16.87 -13.96 18.21
CA GLU A 113 -16.22 -12.76 18.74
C GLU A 113 -16.02 -11.73 17.59
N ALA A 114 -15.64 -12.18 16.39
CA ALA A 114 -15.39 -11.26 15.27
C ALA A 114 -16.73 -10.81 14.68
N LYS A 115 -17.78 -11.67 14.69
CA LYS A 115 -19.09 -11.22 14.17
C LYS A 115 -19.63 -10.17 15.09
N ASP A 116 -19.44 -10.38 16.40
CA ASP A 116 -19.98 -9.42 17.37
C ASP A 116 -19.18 -8.07 17.32
N MET A 117 -17.86 -8.16 17.11
CA MET A 117 -17.06 -6.94 16.86
C MET A 117 -17.61 -6.11 15.69
N LEU A 118 -17.83 -6.82 14.56
CA LEU A 118 -18.31 -6.13 13.36
C LEU A 118 -19.76 -5.58 13.55
N ARG A 119 -20.63 -6.39 14.20
CA ARG A 119 -21.96 -5.89 14.43
C ARG A 119 -21.96 -4.63 15.31
N ALA A 120 -21.20 -4.67 16.38
CA ALA A 120 -21.11 -3.52 17.32
C ALA A 120 -20.53 -2.27 16.55
N TYR A 121 -19.51 -2.49 15.72
CA TYR A 121 -18.85 -1.39 15.01
C TYR A 121 -19.86 -0.72 14.08
N VAL A 122 -20.58 -1.52 13.24
CA VAL A 122 -21.53 -0.85 12.33
C VAL A 122 -22.75 -0.27 13.07
N ALA A 123 -23.12 -0.82 14.24
CA ALA A 123 -24.21 -0.19 15.07
C ALA A 123 -23.71 1.26 15.38
N GLY A 124 -22.43 1.42 15.72
CA GLY A 124 -21.81 2.74 16.01
C GLY A 124 -21.88 3.68 14.81
N VAL A 125 -21.48 3.15 13.62
CA VAL A 125 -21.61 3.94 12.36
C VAL A 125 -23.06 4.38 12.10
N ASN A 126 -23.97 3.38 12.17
CA ASN A 126 -25.36 3.77 11.89
C ASN A 126 -25.95 4.70 12.94
N ALA A 127 -25.51 4.60 14.22
CA ALA A 127 -25.99 5.59 15.20
C ALA A 127 -25.49 7.01 14.77
N PHE A 128 -24.23 7.13 14.31
CA PHE A 128 -23.80 8.44 13.88
C PHE A 128 -24.70 8.95 12.73
N LEU A 129 -25.04 8.06 11.76
CA LEU A 129 -25.85 8.50 10.61
C LEU A 129 -27.26 8.96 11.12
N ALA A 130 -27.70 8.46 12.25
CA ALA A 130 -28.99 8.82 12.84
C ALA A 130 -28.87 9.95 13.88
N SER A 131 -27.66 10.54 14.07
CA SER A 131 -27.45 11.40 15.23
C SER A 131 -27.92 12.83 14.95
N GLY A 132 -28.32 13.19 13.71
CA GLY A 132 -28.70 14.60 13.47
C GLY A 132 -27.53 15.54 13.16
N ALA A 133 -26.28 15.04 13.07
CA ALA A 133 -25.11 15.86 12.68
C ALA A 133 -25.30 16.46 11.31
N PRO A 134 -24.72 17.64 11.09
CA PRO A 134 -24.76 18.16 9.68
C PRO A 134 -23.92 17.23 8.80
N LEU A 135 -24.31 17.04 7.54
CA LEU A 135 -23.52 16.12 6.69
C LEU A 135 -22.20 16.80 6.33
N PRO A 136 -21.22 15.95 5.99
CA PRO A 136 -19.93 16.56 5.54
C PRO A 136 -20.11 17.35 4.24
N VAL A 137 -19.16 18.26 4.03
CA VAL A 137 -19.24 19.16 2.83
C VAL A 137 -19.36 18.36 1.51
N GLU A 138 -18.72 17.18 1.43
CA GLU A 138 -18.81 16.42 0.17
C GLU A 138 -20.20 15.90 -0.12
N TYR A 139 -21.01 15.67 0.91
CA TYR A 139 -22.41 15.21 0.61
C TYR A 139 -23.21 16.39 0.11
N GLY A 140 -22.86 17.62 0.54
CA GLY A 140 -23.57 18.81 0.04
C GLY A 140 -23.22 18.95 -1.42
N LEU A 141 -21.90 18.87 -1.74
CA LEU A 141 -21.44 19.09 -3.15
C LEU A 141 -22.09 18.05 -4.07
N LEU A 142 -22.12 16.79 -3.62
CA LEU A 142 -22.70 15.71 -4.46
C LEU A 142 -24.21 15.63 -4.42
N GLY A 143 -24.86 16.37 -3.52
CA GLY A 143 -26.33 16.20 -3.40
C GLY A 143 -26.63 14.80 -2.94
N ALA A 144 -25.80 14.24 -2.05
CA ALA A 144 -25.87 12.78 -1.62
C ALA A 144 -26.34 12.69 -0.17
N GLU A 145 -26.84 11.49 0.20
CA GLU A 145 -27.16 11.18 1.58
C GLU A 145 -26.48 9.87 1.91
N PRO A 146 -26.00 9.71 3.16
CA PRO A 146 -25.24 8.51 3.49
C PRO A 146 -26.16 7.30 3.53
N GLU A 147 -25.63 6.16 3.06
CA GLU A 147 -26.37 4.90 3.11
C GLU A 147 -25.89 4.07 4.32
N PRO A 148 -26.81 3.28 4.90
CA PRO A 148 -26.50 2.59 6.15
C PRO A 148 -25.45 1.43 5.98
N TRP A 149 -24.93 0.95 7.10
CA TRP A 149 -23.81 -0.04 7.08
C TRP A 149 -24.31 -1.40 7.55
N GLU A 150 -23.76 -2.47 6.94
CA GLU A 150 -23.97 -3.85 7.35
C GLU A 150 -22.63 -4.37 7.84
N PRO A 151 -22.62 -5.41 8.68
CA PRO A 151 -21.39 -5.83 9.30
C PRO A 151 -20.31 -6.26 8.30
N TRP A 152 -20.76 -6.91 7.21
CA TRP A 152 -19.73 -7.36 6.22
C TRP A 152 -19.09 -6.22 5.38
N HIS A 153 -19.67 -5.01 5.46
CA HIS A 153 -19.09 -3.87 4.78
C HIS A 153 -17.69 -3.59 5.22
N SER A 154 -17.36 -3.80 6.52
CA SER A 154 -15.99 -3.46 6.96
C SER A 154 -14.93 -4.40 6.28
N ILE A 155 -15.39 -5.64 6.02
CA ILE A 155 -14.52 -6.60 5.33
C ILE A 155 -14.31 -6.11 3.92
N ALA A 156 -15.34 -5.53 3.27
CA ALA A 156 -15.08 -4.96 1.90
C ALA A 156 -14.14 -3.74 1.94
N VAL A 157 -14.29 -2.87 2.93
CA VAL A 157 -13.37 -1.71 3.07
C VAL A 157 -11.91 -2.19 3.25
N MET A 158 -11.72 -3.21 4.13
CA MET A 158 -10.37 -3.70 4.40
C MET A 158 -9.81 -4.33 3.13
N ARG A 159 -10.61 -5.11 2.41
CA ARG A 159 -10.15 -5.80 1.24
C ARG A 159 -9.76 -4.74 0.16
N ARG A 160 -10.54 -3.67 -0.02
CA ARG A 160 -10.25 -2.58 -0.93
C ARG A 160 -8.90 -1.87 -0.62
N LEU A 161 -8.56 -1.71 0.68
CA LEU A 161 -7.33 -0.98 1.05
C LEU A 161 -6.14 -1.67 0.38
N GLY A 162 -6.16 -2.99 0.41
CA GLY A 162 -5.05 -3.77 -0.13
C GLY A 162 -5.24 -4.39 -1.50
N LEU A 163 -6.24 -3.91 -2.26
CA LEU A 163 -6.73 -4.55 -3.49
C LEU A 163 -5.60 -4.68 -4.54
N LEU A 164 -5.31 -5.93 -4.88
CA LEU A 164 -4.44 -6.27 -6.02
C LEU A 164 -3.01 -5.64 -5.93
N MET A 165 -2.49 -5.39 -4.76
CA MET A 165 -1.17 -4.76 -4.74
C MET A 165 -0.10 -5.83 -4.97
N GLY A 166 1.01 -5.42 -5.60
CA GLY A 166 2.16 -6.28 -5.74
C GLY A 166 2.26 -7.04 -7.02
N SER A 167 2.34 -8.39 -6.88
CA SER A 167 2.91 -9.16 -7.95
C SER A 167 2.14 -9.11 -9.29
N VAL A 168 0.80 -8.99 -9.27
CA VAL A 168 -0.03 -9.16 -10.48
C VAL A 168 0.41 -8.13 -11.54
N TRP A 169 0.80 -6.90 -11.15
CA TRP A 169 1.16 -5.86 -12.13
C TRP A 169 2.46 -6.19 -12.81
N PHE A 170 3.39 -6.81 -12.08
CA PHE A 170 4.71 -7.13 -12.74
C PHE A 170 4.56 -8.21 -13.79
N LYS A 171 3.73 -9.23 -13.48
CA LYS A 171 3.43 -10.28 -14.41
C LYS A 171 2.73 -9.78 -15.65
N LEU A 172 1.71 -8.95 -15.43
CA LEU A 172 0.96 -8.33 -16.54
C LEU A 172 1.94 -7.51 -17.39
N TRP A 173 2.82 -6.74 -16.76
CA TRP A 173 3.76 -5.94 -17.53
C TRP A 173 4.70 -6.77 -18.34
N ARG A 174 5.25 -7.84 -17.75
CA ARG A 174 6.13 -8.71 -18.57
C ARG A 174 5.42 -9.34 -19.75
N MET A 175 4.17 -9.74 -19.52
CA MET A 175 3.41 -10.32 -20.63
CA MET A 175 3.36 -10.31 -20.60
C MET A 175 3.24 -9.27 -21.75
N LEU A 176 2.90 -8.04 -21.40
CA LEU A 176 2.68 -7.01 -22.41
C LEU A 176 3.99 -6.70 -23.18
N ALA A 177 5.12 -6.86 -22.51
CA ALA A 177 6.46 -6.56 -23.12
C ALA A 177 6.83 -7.70 -24.09
N LEU A 178 6.29 -8.91 -23.91
CA LEU A 178 6.76 -10.06 -24.78
C LEU A 178 6.75 -9.79 -26.31
N PRO A 179 5.57 -9.37 -26.89
CA PRO A 179 5.55 -9.18 -28.38
C PRO A 179 6.40 -7.95 -28.79
N VAL A 180 6.75 -7.06 -27.83
CA VAL A 180 7.53 -5.80 -28.16
C VAL A 180 9.04 -6.01 -28.17
N VAL A 181 9.58 -6.57 -27.08
CA VAL A 181 11.05 -6.70 -26.92
C VAL A 181 11.50 -8.15 -26.92
N GLY A 182 10.57 -9.10 -27.03
CA GLY A 182 10.97 -10.53 -27.02
C GLY A 182 11.11 -11.11 -25.64
N ALA A 183 11.10 -12.45 -25.58
CA ALA A 183 11.15 -13.14 -24.22
C ALA A 183 12.36 -12.79 -23.36
N ALA A 184 13.57 -12.89 -23.92
CA ALA A 184 14.79 -12.66 -23.10
C ALA A 184 14.82 -11.29 -22.51
N ASN A 185 14.49 -10.26 -23.29
CA ASN A 185 14.39 -8.91 -22.73
C ASN A 185 13.22 -8.70 -21.79
N ALA A 186 12.03 -9.23 -22.15
CA ALA A 186 10.85 -9.00 -21.31
C ALA A 186 11.12 -9.61 -19.89
N LEU A 187 11.86 -10.73 -19.81
CA LEU A 187 12.06 -11.38 -18.52
C LEU A 187 13.18 -10.72 -17.69
N LYS A 188 13.73 -9.61 -18.20
CA LYS A 188 14.61 -8.74 -17.37
C LYS A 188 13.85 -7.54 -16.84
N LEU A 189 12.57 -7.43 -17.18
CA LEU A 189 11.76 -6.25 -16.72
C LEU A 189 11.26 -6.53 -15.35
N ARG A 190 12.08 -6.12 -14.38
CA ARG A 190 11.68 -6.17 -13.01
C ARG A 190 12.50 -5.15 -12.25
N TYR A 191 12.04 -4.79 -11.03
CA TYR A 191 12.81 -3.76 -10.27
C TYR A 191 14.25 -4.21 -9.98
N ASP A 192 15.17 -3.24 -9.94
CA ASP A 192 16.59 -3.52 -9.70
C ASP A 192 16.79 -4.17 -8.33
N ASP A 193 17.88 -4.89 -8.21
CA ASP A 193 18.29 -5.50 -6.91
C ASP A 193 19.59 -4.89 -6.35
N GLY A 194 20.05 -3.76 -6.92
CA GLY A 194 21.36 -3.18 -6.47
C GLY A 194 22.54 -4.02 -6.86
N GLY A 195 22.33 -5.06 -7.70
CA GLY A 195 23.39 -6.07 -8.01
C GLY A 195 23.27 -7.32 -7.10
N ARG A 196 22.66 -7.20 -5.89
CA ARG A 196 22.59 -8.32 -4.90
C ARG A 196 21.65 -7.88 -3.77
N ASP A 197 20.59 -8.66 -3.50
CA ASP A 197 19.72 -8.25 -2.46
C ASP A 197 20.33 -8.36 -1.05
N LEU A 198 19.99 -7.40 -0.19
CA LEU A 198 19.97 -7.63 1.31
C LEU A 198 18.62 -8.27 1.60
N LEU A 199 18.69 -9.45 2.22
CA LEU A 199 17.49 -10.21 2.60
C LEU A 199 17.01 -9.77 3.98
N CYS A 200 15.79 -10.04 4.32
CA CYS A 200 15.31 -9.81 5.67
C CYS A 200 15.66 -10.94 6.61
N ILE A 201 15.52 -12.19 6.12
CA ILE A 201 15.74 -13.35 7.01
C ILE A 201 16.75 -14.34 6.35
N PRO A 202 17.83 -14.71 7.06
CA PRO A 202 18.27 -14.13 8.35
C PRO A 202 18.65 -12.63 8.20
N PRO A 203 18.51 -11.89 9.30
CA PRO A 203 18.88 -10.45 9.24
C PRO A 203 20.35 -10.30 8.81
N GLY A 204 20.59 -9.36 7.87
CA GLY A 204 21.91 -9.06 7.38
C GLY A 204 22.41 -9.95 6.27
N ALA A 205 21.66 -11.04 5.95
CA ALA A 205 22.12 -11.98 4.91
C ALA A 205 21.96 -11.38 3.50
N GLU A 206 22.85 -11.76 2.59
CA GLU A 206 22.71 -11.29 1.18
C GLU A 206 22.65 -12.47 0.24
N ALA A 207 22.06 -12.29 -0.96
CA ALA A 207 22.02 -13.42 -1.90
C ALA A 207 21.70 -12.85 -3.25
N ASP A 208 22.13 -13.53 -4.28
CA ASP A 208 21.78 -13.20 -5.64
C ASP A 208 20.45 -13.86 -6.04
N ARG A 209 19.54 -13.09 -6.57
CA ARG A 209 18.18 -13.59 -6.90
C ARG A 209 18.31 -14.50 -8.11
N LEU A 210 17.34 -15.37 -8.22
CA LEU A 210 17.28 -16.24 -9.46
C LEU A 210 16.75 -15.45 -10.61
N GLU A 211 17.39 -15.59 -11.79
CA GLU A 211 16.87 -14.99 -12.98
C GLU A 211 15.89 -15.99 -13.63
N ALA A 212 15.08 -15.49 -14.54
CA ALA A 212 14.07 -16.34 -15.25
C ALA A 212 14.76 -17.49 -16.00
N ASP A 213 14.15 -18.67 -15.98
CA ASP A 213 14.67 -19.83 -16.75
C ASP A 213 13.82 -19.88 -18.03
N LEU A 214 14.33 -19.32 -19.12
CA LEU A 214 13.56 -19.26 -20.37
C LEU A 214 13.19 -20.67 -20.84
N ALA A 215 14.04 -21.66 -20.57
CA ALA A 215 13.67 -23.00 -20.98
C ALA A 215 12.39 -23.55 -20.28
N THR A 216 12.20 -23.28 -18.99
CA THR A 216 11.04 -23.79 -18.31
C THR A 216 9.85 -22.89 -18.60
N LEU A 217 10.10 -21.65 -18.97
CA LEU A 217 9.01 -20.72 -19.31
C LEU A 217 8.56 -20.78 -20.80
N ARG A 218 9.24 -21.57 -21.62
CA ARG A 218 9.04 -21.52 -23.05
C ARG A 218 7.56 -21.87 -23.41
N PRO A 219 6.95 -22.92 -22.80
CA PRO A 219 5.55 -23.17 -23.17
C PRO A 219 4.63 -21.99 -22.81
N ALA A 220 4.86 -21.34 -21.65
CA ALA A 220 4.00 -20.21 -21.25
C ALA A 220 4.20 -19.05 -22.27
N VAL A 221 5.47 -18.75 -22.64
CA VAL A 221 5.81 -17.66 -23.56
C VAL A 221 5.15 -17.93 -24.91
N ASP A 222 5.30 -19.17 -25.40
CA ASP A 222 4.76 -19.51 -26.71
C ASP A 222 3.25 -19.36 -26.77
N ALA A 223 2.57 -19.83 -25.71
CA ALA A 223 1.10 -19.77 -25.63
C ALA A 223 0.64 -18.32 -25.57
N LEU A 224 1.36 -17.47 -24.82
CA LEU A 224 0.98 -16.07 -24.70
C LEU A 224 1.21 -15.36 -26.06
N LEU A 225 2.36 -15.57 -26.75
CA LEU A 225 2.61 -14.91 -28.03
C LEU A 225 1.50 -15.28 -29.02
N LYS A 226 1.10 -16.55 -29.04
CA LYS A 226 -0.02 -16.98 -29.93
C LYS A 226 -1.31 -16.28 -29.57
N ALA A 227 -1.64 -16.30 -28.27
CA ALA A 227 -2.87 -15.69 -27.75
C ALA A 227 -2.91 -14.19 -28.05
N MET A 228 -1.76 -13.54 -27.91
CA MET A 228 -1.67 -12.08 -28.10
C MET A 228 -1.65 -11.64 -29.55
N GLY A 229 -1.36 -12.55 -30.50
CA GLY A 229 -1.01 -12.26 -31.93
C GLY A 229 -2.10 -12.58 -32.89
N SER B 1 7.34 1.04 2.20
CA SER B 1 7.19 1.17 3.71
C SER B 1 8.46 0.80 4.40
N ASN B 2 8.84 1.37 5.51
CA ASN B 2 10.00 0.92 6.20
C ASN B 2 9.59 0.55 7.61
N ASN B 3 10.29 -0.40 8.22
CA ASN B 3 10.29 -0.46 9.70
C ASN B 3 11.53 -1.15 10.22
N TRP B 4 11.74 -1.08 11.54
CA TRP B 4 12.86 -1.74 12.10
C TRP B 4 12.60 -1.91 13.58
N ALA B 5 13.31 -2.90 14.15
CA ALA B 5 13.24 -3.10 15.63
C ALA B 5 14.67 -3.29 16.10
N VAL B 6 15.01 -2.70 17.28
CA VAL B 6 16.35 -2.79 17.82
C VAL B 6 16.13 -3.46 19.18
N ALA B 7 16.96 -4.49 19.44
CA ALA B 7 16.85 -5.28 20.65
C ALA B 7 17.42 -4.46 21.84
N PRO B 8 17.09 -4.89 23.08
CA PRO B 8 17.55 -4.19 24.29
C PRO B 8 19.07 -4.01 24.44
N GLY B 9 19.86 -4.98 23.95
CA GLY B 9 21.35 -4.83 24.00
C GLY B 9 21.94 -3.77 23.13
N ARG B 10 21.13 -3.24 22.23
CA ARG B 10 21.56 -2.16 21.28
C ARG B 10 20.78 -0.91 21.36
N THR B 11 19.95 -0.73 22.42
CA THR B 11 19.22 0.53 22.56
C THR B 11 19.80 1.35 23.71
N ALA B 12 19.52 2.64 23.68
CA ALA B 12 19.93 3.50 24.84
C ALA B 12 19.09 3.20 26.10
N THR B 13 17.90 2.61 25.88
CA THR B 13 16.94 2.46 27.00
C THR B 13 17.14 1.08 27.65
N GLY B 14 17.77 0.13 26.95
CA GLY B 14 17.82 -1.25 27.43
C GLY B 14 16.44 -1.98 27.32
N ARG B 15 15.51 -1.40 26.55
CA ARG B 15 14.23 -2.04 26.18
C ARG B 15 14.17 -1.99 24.63
N PRO B 16 13.25 -2.73 24.02
CA PRO B 16 13.15 -2.69 22.58
C PRO B 16 12.68 -1.30 22.10
N ILE B 17 13.13 -0.95 20.90
CA ILE B 17 12.50 0.23 20.25
C ILE B 17 12.09 -0.26 18.82
N LEU B 18 10.90 0.10 18.40
CA LEU B 18 10.40 -0.23 17.05
C LEU B 18 10.09 1.14 16.39
N ALA B 19 10.29 1.22 15.09
CA ALA B 19 9.93 2.47 14.39
C ALA B 19 9.71 2.20 12.92
N GLY B 20 9.13 3.17 12.22
CA GLY B 20 8.90 2.95 10.78
C GLY B 20 7.93 3.98 10.23
N ASP B 21 7.42 3.61 9.05
CA ASP B 21 6.59 4.52 8.26
C ASP B 21 6.03 3.81 7.04
N PRO B 22 4.69 3.64 6.96
CA PRO B 22 4.11 2.99 5.75
C PRO B 22 4.06 3.97 4.63
N HIS B 23 4.30 3.47 3.39
CA HIS B 23 4.29 4.37 2.19
C HIS B 23 3.19 3.97 1.29
N ARG B 24 2.26 4.91 1.04
CA ARG B 24 1.20 4.67 0.06
CA ARG B 24 1.21 4.65 0.04
C ARG B 24 0.90 5.97 -0.65
N VAL B 25 0.08 5.86 -1.69
CA VAL B 25 -0.35 7.09 -2.43
CA VAL B 25 -0.37 7.10 -2.41
C VAL B 25 -1.04 8.07 -1.43
N PHE B 26 -0.86 9.35 -1.67
CA PHE B 26 -1.43 10.40 -0.82
C PHE B 26 -2.88 10.67 -1.18
N GLU B 27 -3.68 9.62 -1.17
CA GLU B 27 -5.14 9.81 -1.33
CA GLU B 27 -5.17 9.74 -1.28
C GLU B 27 -5.66 10.53 -0.08
N ILE B 28 -6.70 11.37 -0.29
CA ILE B 28 -7.26 12.18 0.81
C ILE B 28 -8.73 11.77 1.07
N PRO B 29 -9.11 11.67 2.34
CA PRO B 29 -8.24 11.68 3.55
C PRO B 29 -7.29 10.46 3.59
N GLY B 30 -6.25 10.57 4.43
CA GLY B 30 -5.25 9.54 4.56
C GLY B 30 -5.85 8.17 4.89
N PHE B 31 -5.24 7.10 4.33
CA PHE B 31 -5.78 5.76 4.59
C PHE B 31 -5.76 5.35 6.10
N TYR B 32 -4.79 5.85 6.86
CA TYR B 32 -4.56 5.42 8.24
C TYR B 32 -4.90 6.62 9.15
N ALA B 33 -5.61 6.38 10.25
CA ALA B 33 -5.97 7.43 11.23
C ALA B 33 -5.40 7.01 12.59
N GLN B 34 -5.02 7.98 13.42
CA GLN B 34 -4.57 7.72 14.81
C GLN B 34 -5.74 7.56 15.73
N HIS B 35 -5.77 6.48 16.52
CA HIS B 35 -6.78 6.32 17.57
C HIS B 35 -6.21 5.61 18.80
N HIS B 36 -6.81 5.83 19.96
CA HIS B 36 -6.53 5.06 21.22
C HIS B 36 -7.89 4.56 21.67
N LEU B 37 -7.95 3.24 21.90
CA LEU B 37 -9.21 2.59 22.26
C LEU B 37 -8.98 1.64 23.45
N ALA B 38 -9.70 1.86 24.56
CA ALA B 38 -9.51 1.05 25.76
C ALA B 38 -10.88 0.55 26.27
N CYS B 39 -10.88 -0.64 26.82
CA CYS B 39 -12.02 -1.25 27.51
C CYS B 39 -11.40 -2.20 28.56
N ASP B 40 -12.26 -3.03 29.15
CA ASP B 40 -11.81 -3.92 30.18
C ASP B 40 -10.88 -5.02 29.65
N ARG B 41 -10.94 -5.30 28.34
CA ARG B 41 -10.17 -6.45 27.75
C ARG B 41 -8.82 -5.96 27.18
N PHE B 42 -8.71 -4.68 26.81
CA PHE B 42 -7.45 -4.23 26.19
C PHE B 42 -7.35 -2.71 26.22
N ASP B 43 -6.14 -2.19 26.00
CA ASP B 43 -6.01 -0.76 25.97
C ASP B 43 -4.92 -0.54 24.86
N MET B 44 -5.33 -0.12 23.68
CA MET B 44 -4.52 -0.15 22.43
C MET B 44 -4.48 1.21 21.85
N ILE B 45 -3.31 1.53 21.30
CA ILE B 45 -3.17 2.84 20.58
C ILE B 45 -2.36 2.54 19.33
N GLY B 46 -2.74 3.19 18.23
CA GLY B 46 -2.17 2.90 16.93
C GLY B 46 -2.93 3.44 15.82
N LEU B 47 -2.70 2.83 14.65
CA LEU B 47 -3.36 3.31 13.42
C LEU B 47 -4.58 2.41 13.12
N THR B 48 -5.67 3.06 12.72
CA THR B 48 -6.87 2.37 12.27
C THR B 48 -7.12 2.71 10.80
N VAL B 49 -7.99 1.91 10.21
CA VAL B 49 -8.43 2.13 8.81
C VAL B 49 -9.90 2.56 8.98
N PRO B 50 -10.28 3.82 8.68
CA PRO B 50 -11.69 4.23 8.92
C PRO B 50 -12.61 3.32 8.11
N GLY B 51 -13.63 2.80 8.74
CA GLY B 51 -14.60 1.84 8.11
C GLY B 51 -14.31 0.43 8.65
N VAL B 52 -13.17 0.20 9.36
CA VAL B 52 -12.81 -1.17 9.85
C VAL B 52 -12.55 -1.09 11.35
N PRO B 53 -13.10 -2.02 12.14
CA PRO B 53 -12.82 -2.02 13.61
C PRO B 53 -11.43 -2.54 13.93
N GLY B 54 -10.86 -2.07 15.02
CA GLY B 54 -9.62 -2.66 15.54
C GLY B 54 -8.34 -2.05 14.88
N PHE B 55 -7.20 -2.71 15.12
CA PHE B 55 -5.89 -2.16 14.76
C PHE B 55 -5.19 -3.28 13.97
N PRO B 56 -5.44 -3.36 12.63
CA PRO B 56 -4.90 -4.49 11.89
C PRO B 56 -3.34 -4.61 11.87
N SER B 57 -2.62 -3.46 11.91
CA SER B 57 -1.23 -3.57 11.47
C SER B 57 -0.27 -2.70 12.26
N PHE B 58 -0.72 -1.64 12.95
CA PHE B 58 0.23 -0.73 13.62
C PHE B 58 -0.40 -0.39 14.98
N ALA B 59 0.15 -0.91 16.09
CA ALA B 59 -0.42 -0.59 17.41
C ALA B 59 0.46 -1.10 18.50
N HIS B 60 0.23 -0.63 19.71
CA HIS B 60 0.67 -1.39 20.92
C HIS B 60 -0.48 -1.48 21.89
N ASN B 61 -0.38 -2.51 22.73
CA ASN B 61 -1.38 -2.79 23.75
C ASN B 61 -0.83 -2.66 25.19
N GLY B 62 0.30 -1.95 25.35
CA GLY B 62 0.92 -1.83 26.67
C GLY B 62 1.84 -3.03 27.00
N LYS B 63 1.92 -4.06 26.12
CA LYS B 63 2.79 -5.26 26.37
C LYS B 63 3.57 -5.56 25.05
N VAL B 64 2.87 -5.53 23.90
CA VAL B 64 3.47 -5.84 22.59
CA VAL B 64 3.52 -5.81 22.62
C VAL B 64 3.17 -4.67 21.66
N ALA B 65 4.21 -4.21 20.93
CA ALA B 65 4.02 -3.22 19.88
C ALA B 65 4.25 -3.96 18.54
N TYR B 66 3.55 -3.54 17.48
CA TYR B 66 3.74 -4.18 16.16
C TYR B 66 3.48 -3.20 15.06
N CYS B 67 4.09 -3.51 13.89
CA CYS B 67 3.97 -2.63 12.73
C CYS B 67 4.32 -3.48 11.51
N VAL B 68 4.08 -2.93 10.36
CA VAL B 68 4.25 -3.74 9.09
C VAL B 68 4.88 -3.01 7.94
N THR B 69 5.56 -3.79 7.05
CA THR B 69 5.74 -3.31 5.67
C THR B 69 5.22 -4.33 4.69
N SER B 70 4.77 -3.93 3.51
CA SER B 70 4.31 -4.96 2.55
CA SER B 70 4.35 -4.92 2.49
C SER B 70 5.48 -5.96 2.25
N ALA B 71 5.11 -7.27 2.31
CA ALA B 71 6.18 -8.27 2.21
C ALA B 71 6.53 -8.60 0.76
N PHE B 72 5.69 -8.23 -0.19
CA PHE B 72 5.96 -8.64 -1.63
C PHE B 72 5.99 -10.16 -1.76
N MET B 73 5.17 -10.85 -1.00
CA MET B 73 4.85 -12.23 -1.34
C MET B 73 3.98 -12.28 -2.60
N ASP B 74 4.16 -13.36 -3.36
CA ASP B 74 3.43 -13.50 -4.61
C ASP B 74 2.07 -14.15 -4.32
N ILE B 75 1.04 -13.30 -4.15
CA ILE B 75 -0.30 -13.85 -3.73
C ILE B 75 -1.36 -13.75 -4.88
N HIS B 76 -0.89 -13.47 -6.11
CA HIS B 76 -1.83 -13.31 -7.22
C HIS B 76 -1.30 -13.97 -8.46
N ASP B 77 -2.04 -14.94 -9.03
CA ASP B 77 -1.59 -15.56 -10.29
C ASP B 77 -2.54 -15.19 -11.39
N LEU B 78 -1.99 -15.07 -12.59
CA LEU B 78 -2.79 -14.87 -13.81
C LEU B 78 -2.69 -16.14 -14.61
N TYR B 79 -3.85 -16.60 -15.08
CA TYR B 79 -3.88 -17.78 -15.94
C TYR B 79 -4.34 -17.42 -17.34
N LEU B 80 -3.63 -17.90 -18.34
CA LEU B 80 -4.07 -17.77 -19.70
C LEU B 80 -5.02 -18.97 -19.96
N GLU B 81 -6.26 -18.69 -20.31
CA GLU B 81 -7.30 -19.77 -20.50
C GLU B 81 -7.49 -19.94 -21.99
N GLN B 82 -7.68 -21.19 -22.43
CA GLN B 82 -8.26 -21.53 -23.74
CA GLN B 82 -8.27 -21.48 -23.75
C GLN B 82 -9.76 -21.71 -23.65
N PHE B 83 -10.55 -20.94 -24.40
CA PHE B 83 -12.05 -21.04 -24.39
C PHE B 83 -12.54 -21.68 -25.69
N ALA B 84 -13.69 -22.30 -25.60
CA ALA B 84 -14.44 -22.69 -26.77
C ALA B 84 -15.91 -22.34 -26.53
N GLY B 85 -16.81 -22.86 -27.35
CA GLY B 85 -18.22 -22.64 -27.02
C GLY B 85 -18.60 -21.16 -27.10
N GLU B 86 -17.97 -20.38 -27.98
CA GLU B 86 -18.27 -18.92 -28.08
C GLU B 86 -17.95 -18.22 -26.71
N GLY B 87 -16.97 -18.76 -25.97
CA GLY B 87 -16.56 -18.25 -24.63
C GLY B 87 -17.29 -18.96 -23.47
N ARG B 88 -18.12 -19.85 -23.68
CA ARG B 88 -18.98 -20.52 -22.68
C ARG B 88 -18.31 -21.80 -22.09
N THR B 89 -17.27 -22.26 -22.70
CA THR B 89 -16.52 -23.36 -22.10
C THR B 89 -14.99 -23.00 -22.00
N ALA B 90 -14.27 -23.65 -21.06
CA ALA B 90 -12.85 -23.36 -20.86
C ALA B 90 -12.14 -24.69 -20.65
N ARG B 91 -10.93 -24.77 -21.21
CA ARG B 91 -10.17 -26.07 -21.07
C ARG B 91 -9.59 -26.27 -19.67
N PHE B 92 -9.82 -27.46 -19.12
CA PHE B 92 -9.00 -27.94 -18.01
C PHE B 92 -8.55 -29.38 -18.24
N GLY B 93 -7.23 -29.62 -18.30
CA GLY B 93 -6.65 -30.94 -18.76
C GLY B 93 -7.13 -31.16 -20.20
N ASN B 94 -7.81 -32.28 -20.48
CA ASN B 94 -8.32 -32.48 -21.86
C ASN B 94 -9.82 -32.36 -22.06
N ASP B 95 -10.49 -31.63 -21.15
CA ASP B 95 -11.93 -31.43 -21.18
C ASP B 95 -12.19 -29.94 -21.23
N PHE B 96 -13.22 -29.55 -21.97
CA PHE B 96 -13.72 -28.17 -21.93
C PHE B 96 -14.93 -28.16 -21.05
N GLU B 97 -14.84 -27.40 -19.97
CA GLU B 97 -15.93 -27.40 -18.94
C GLU B 97 -16.70 -26.07 -18.99
N PRO B 98 -17.96 -26.06 -18.51
CA PRO B 98 -18.75 -24.78 -18.59
C PRO B 98 -18.13 -23.68 -17.76
N VAL B 99 -18.18 -22.45 -18.29
CA VAL B 99 -17.71 -21.27 -17.59
CA VAL B 99 -17.70 -21.23 -17.59
C VAL B 99 -18.98 -20.62 -17.00
N ALA B 100 -18.87 -19.96 -15.84
CA ALA B 100 -20.06 -19.14 -15.34
C ALA B 100 -20.12 -17.79 -16.05
N TRP B 101 -21.30 -17.40 -16.60
CA TRP B 101 -21.48 -16.11 -17.27
C TRP B 101 -22.65 -15.47 -16.58
N SER B 102 -22.50 -14.21 -16.19
CA SER B 102 -23.64 -13.45 -15.75
C SER B 102 -23.49 -12.02 -16.24
N ARG B 103 -24.54 -11.22 -16.03
CA ARG B 103 -24.60 -9.81 -16.50
C ARG B 103 -24.68 -8.94 -15.23
N ASP B 104 -24.06 -7.76 -15.27
CA ASP B 104 -24.22 -6.81 -14.17
C ASP B 104 -24.22 -5.40 -14.80
N ARG B 105 -24.46 -4.37 -13.96
CA ARG B 105 -24.62 -3.02 -14.46
C ARG B 105 -24.05 -2.06 -13.40
N ILE B 106 -23.42 -0.98 -13.84
CA ILE B 106 -23.08 0.08 -12.90
C ILE B 106 -23.72 1.37 -13.38
N ALA B 107 -23.97 2.32 -12.43
CA ALA B 107 -24.37 3.66 -12.81
C ALA B 107 -23.13 4.57 -12.80
N VAL B 108 -23.12 5.59 -13.66
CA VAL B 108 -22.04 6.51 -13.78
C VAL B 108 -22.62 7.92 -13.77
N ARG B 109 -22.09 8.74 -12.85
CA ARG B 109 -22.58 10.11 -12.59
CA ARG B 109 -22.64 10.03 -12.62
C ARG B 109 -22.39 10.85 -13.90
N GLY B 110 -23.46 11.44 -14.43
CA GLY B 110 -23.40 12.24 -15.65
C GLY B 110 -23.43 11.45 -16.92
N GLY B 111 -23.54 10.12 -16.88
CA GLY B 111 -23.51 9.31 -18.11
C GLY B 111 -24.49 8.16 -18.07
N ALA B 112 -24.42 7.34 -19.09
CA ALA B 112 -25.32 6.20 -19.20
C ALA B 112 -24.84 5.09 -18.27
N ASP B 113 -25.76 4.23 -17.79
CA ASP B 113 -25.36 3.02 -17.07
C ASP B 113 -24.53 2.19 -18.01
N ARG B 114 -23.67 1.38 -17.44
CA ARG B 114 -22.90 0.43 -18.23
C ARG B 114 -23.19 -0.99 -17.81
N GLU B 115 -23.61 -1.82 -18.79
CA GLU B 115 -23.90 -3.22 -18.55
CA GLU B 115 -23.87 -3.23 -18.53
C GLU B 115 -22.66 -3.99 -19.04
N PHE B 116 -22.36 -5.14 -18.42
CA PHE B 116 -21.13 -5.84 -18.78
C PHE B 116 -21.32 -7.33 -18.37
N ASP B 117 -20.46 -8.18 -18.89
CA ASP B 117 -20.47 -9.61 -18.55
C ASP B 117 -19.44 -9.87 -17.42
N ILE B 118 -19.75 -10.84 -16.54
CA ILE B 118 -18.82 -11.34 -15.51
C ILE B 118 -18.65 -12.81 -15.89
N VAL B 119 -17.42 -13.18 -16.20
CA VAL B 119 -17.16 -14.54 -16.71
C VAL B 119 -16.16 -15.18 -15.72
N GLU B 120 -16.45 -16.40 -15.25
CA GLU B 120 -15.61 -17.00 -14.26
C GLU B 120 -15.27 -18.46 -14.62
N THR B 121 -13.99 -18.85 -14.62
CA THR B 121 -13.56 -20.25 -14.86
C THR B 121 -13.19 -20.91 -13.51
N ARG B 122 -12.65 -22.14 -13.50
CA ARG B 122 -12.26 -22.77 -12.22
C ARG B 122 -11.17 -21.94 -11.56
N HIS B 123 -10.39 -21.13 -12.34
CA HIS B 123 -9.34 -20.33 -11.69
C HIS B 123 -9.83 -19.08 -11.01
N GLY B 124 -10.72 -18.38 -11.65
CA GLY B 124 -11.19 -17.10 -11.14
C GLY B 124 -11.83 -16.34 -12.28
N PRO B 125 -12.17 -15.07 -12.03
CA PRO B 125 -12.83 -14.27 -13.04
C PRO B 125 -11.88 -13.84 -14.21
N VAL B 126 -12.48 -13.66 -15.39
CA VAL B 126 -11.79 -13.08 -16.53
C VAL B 126 -11.63 -11.60 -16.26
N ILE B 127 -10.36 -11.12 -16.27
CA ILE B 127 -10.13 -9.69 -16.06
CA ILE B 127 -10.14 -9.70 -16.07
C ILE B 127 -9.55 -8.99 -17.29
N ALA B 128 -9.12 -9.73 -18.31
CA ALA B 128 -8.54 -9.06 -19.52
C ALA B 128 -8.73 -10.04 -20.64
N GLY B 129 -9.02 -9.50 -21.82
CA GLY B 129 -9.30 -10.26 -23.08
C GLY B 129 -10.75 -10.71 -23.17
N ASP B 130 -11.14 -11.10 -24.38
CA ASP B 130 -12.53 -11.47 -24.68
C ASP B 130 -12.61 -12.99 -24.88
N PRO B 131 -13.25 -13.70 -23.95
CA PRO B 131 -13.33 -15.18 -24.09
C PRO B 131 -13.87 -15.59 -25.47
N ARG B 132 -14.75 -14.74 -26.08
CA ARG B 132 -15.30 -15.08 -27.39
C ARG B 132 -14.21 -15.23 -28.49
N ASP B 133 -13.05 -14.62 -28.25
CA ASP B 133 -11.93 -14.71 -29.18
C ASP B 133 -11.17 -15.97 -28.96
N GLY B 134 -11.47 -16.73 -27.88
CA GLY B 134 -10.75 -18.02 -27.72
C GLY B 134 -9.70 -17.97 -26.60
N ALA B 135 -9.27 -16.77 -26.17
CA ALA B 135 -8.28 -16.71 -25.08
C ALA B 135 -8.53 -15.51 -24.20
N ALA B 136 -8.31 -15.63 -22.89
CA ALA B 136 -8.42 -14.48 -22.00
C ALA B 136 -7.64 -14.79 -20.75
N LEU B 137 -7.44 -13.78 -19.90
CA LEU B 137 -6.70 -13.96 -18.66
C LEU B 137 -7.66 -13.97 -17.49
N THR B 138 -7.47 -14.96 -16.60
CA THR B 138 -8.23 -14.99 -15.35
C THR B 138 -7.26 -14.74 -14.17
N LEU B 139 -7.83 -14.25 -13.07
CA LEU B 139 -7.01 -13.96 -11.87
C LEU B 139 -7.42 -14.91 -10.78
N ARG B 140 -6.43 -15.61 -10.22
CA ARG B 140 -6.61 -16.41 -8.98
C ARG B 140 -5.79 -15.72 -7.91
N SER B 141 -6.45 -15.09 -6.93
CA SER B 141 -5.71 -14.28 -5.94
C SER B 141 -6.06 -14.81 -4.54
N VAL B 142 -5.08 -14.77 -3.61
CA VAL B 142 -5.42 -15.12 -2.22
C VAL B 142 -6.53 -14.19 -1.68
N GLN B 143 -6.59 -12.96 -2.25
CA GLN B 143 -7.63 -12.00 -1.73
C GLN B 143 -9.05 -12.40 -2.05
N PHE B 144 -9.25 -13.34 -2.98
CA PHE B 144 -10.60 -13.75 -3.39
C PHE B 144 -10.85 -15.25 -3.40
N ALA B 145 -9.81 -16.09 -3.59
CA ALA B 145 -10.07 -17.49 -3.95
C ALA B 145 -10.89 -18.31 -2.96
N GLU B 146 -10.53 -18.23 -1.68
CA GLU B 146 -11.13 -19.15 -0.68
C GLU B 146 -11.46 -18.31 0.56
N THR B 147 -12.35 -18.84 1.37
CA THR B 147 -12.78 -18.19 2.60
C THR B 147 -11.52 -17.65 3.38
N ASP B 148 -11.66 -16.40 3.84
CA ASP B 148 -10.54 -15.73 4.52
C ASP B 148 -11.04 -15.40 5.94
N LEU B 149 -10.22 -15.72 6.95
CA LEU B 149 -10.61 -15.52 8.35
C LEU B 149 -9.70 -14.45 8.97
N SER B 150 -9.21 -13.49 8.18
CA SER B 150 -8.34 -12.42 8.78
C SER B 150 -9.06 -11.66 9.87
N PHE B 151 -10.40 -11.50 9.78
CA PHE B 151 -11.05 -10.70 10.81
C PHE B 151 -11.09 -11.40 12.17
N ASP B 152 -10.96 -12.76 12.20
CA ASP B 152 -10.86 -13.43 13.51
C ASP B 152 -9.56 -12.98 14.24
N CYS B 153 -8.52 -12.59 13.48
CA CYS B 153 -7.25 -12.15 14.13
C CYS B 153 -7.43 -10.85 14.86
N LEU B 154 -8.34 -9.98 14.41
CA LEU B 154 -8.48 -8.62 15.01
C LEU B 154 -8.97 -8.73 16.46
N THR B 155 -9.69 -9.81 16.82
CA THR B 155 -10.16 -9.97 18.22
C THR B 155 -9.16 -10.73 19.08
N ARG B 156 -8.18 -11.39 18.43
CA ARG B 156 -7.20 -12.19 19.15
CA ARG B 156 -7.18 -12.20 19.16
C ARG B 156 -5.92 -11.39 19.42
N MET B 157 -5.52 -10.54 18.48
CA MET B 157 -4.27 -9.76 18.65
C MET B 157 -4.26 -8.85 19.89
N PRO B 158 -5.42 -8.22 20.25
CA PRO B 158 -5.37 -7.33 21.44
C PRO B 158 -5.00 -7.97 22.73
N GLY B 159 -5.23 -9.31 22.84
CA GLY B 159 -4.91 -10.01 24.08
C GLY B 159 -3.45 -10.45 24.13
N ALA B 160 -2.62 -10.27 23.10
CA ALA B 160 -1.30 -10.88 23.15
C ALA B 160 -0.42 -10.14 24.20
N SER B 161 0.41 -10.91 24.89
CA SER B 161 1.35 -10.35 25.90
C SER B 161 2.81 -10.46 25.49
N THR B 162 3.09 -11.22 24.40
CA THR B 162 4.48 -11.41 23.99
C THR B 162 4.47 -11.42 22.48
N VAL B 163 5.67 -11.27 21.87
CA VAL B 163 5.85 -11.39 20.40
C VAL B 163 5.26 -12.77 19.96
N ALA B 164 5.63 -13.88 20.65
CA ALA B 164 5.16 -15.18 20.19
C ALA B 164 3.65 -15.28 20.28
N GLN B 165 2.99 -14.72 21.33
CA GLN B 165 1.52 -14.80 21.42
C GLN B 165 0.93 -13.97 20.27
N LEU B 166 1.54 -12.85 19.90
CA LEU B 166 0.99 -12.03 18.84
C LEU B 166 1.07 -12.79 17.52
N TYR B 167 2.17 -13.52 17.28
CA TYR B 167 2.24 -14.26 16.02
C TYR B 167 1.23 -15.43 15.99
N ASP B 168 1.01 -16.13 17.11
CA ASP B 168 -0.07 -17.16 17.15
C ASP B 168 -1.41 -16.48 16.90
N ALA B 169 -1.65 -15.26 17.40
CA ALA B 169 -2.98 -14.64 17.19
C ALA B 169 -3.27 -14.25 15.70
N THR B 170 -2.19 -14.10 14.90
CA THR B 170 -2.30 -13.74 13.50
C THR B 170 -2.52 -14.97 12.60
N ARG B 171 -2.62 -16.18 13.18
CA ARG B 171 -2.93 -17.37 12.34
C ARG B 171 -4.21 -17.11 11.51
N GLY B 172 -4.09 -17.39 10.21
CA GLY B 172 -5.26 -17.27 9.34
C GLY B 172 -5.34 -15.89 8.64
N TRP B 173 -4.40 -14.97 8.87
CA TRP B 173 -4.42 -13.65 8.18
C TRP B 173 -4.01 -13.80 6.74
N GLY B 174 -4.89 -13.50 5.81
CA GLY B 174 -4.50 -13.66 4.41
C GLY B 174 -4.89 -12.46 3.53
N LEU B 175 -5.59 -11.43 4.03
CA LEU B 175 -6.08 -10.34 3.12
C LEU B 175 -4.97 -9.58 2.43
N ILE B 176 -3.83 -9.50 3.08
CA ILE B 176 -2.69 -8.63 2.65
CA ILE B 176 -2.72 -8.70 2.56
C ILE B 176 -1.45 -9.27 3.22
N ASP B 177 -0.36 -9.25 2.47
CA ASP B 177 0.88 -9.89 2.91
C ASP B 177 1.83 -8.88 3.59
N HIS B 178 2.16 -9.12 4.84
CA HIS B 178 2.92 -8.16 5.60
C HIS B 178 4.11 -8.75 6.25
N ASN B 179 5.16 -7.92 6.36
CA ASN B 179 6.27 -8.19 7.30
C ASN B 179 5.88 -7.63 8.68
N LEU B 180 5.47 -8.48 9.61
CA LEU B 180 4.92 -8.02 10.89
C LEU B 180 6.07 -8.05 11.90
N VAL B 181 6.55 -6.87 12.21
CA VAL B 181 7.69 -6.66 13.12
C VAL B 181 7.14 -6.27 14.45
N ALA B 182 7.64 -6.90 15.53
CA ALA B 182 7.02 -6.75 16.85
C ALA B 182 8.09 -6.68 17.90
N GLY B 183 7.72 -6.07 19.02
CA GLY B 183 8.59 -6.04 20.17
C GLY B 183 7.79 -6.07 21.45
N ASP B 184 8.35 -6.61 22.55
CA ASP B 184 7.50 -6.75 23.75
C ASP B 184 8.22 -6.39 25.02
N VAL B 185 7.45 -6.16 26.08
CA VAL B 185 8.07 -5.71 27.36
C VAL B 185 8.96 -6.78 28.06
N ALA B 186 8.89 -8.01 27.56
CA ALA B 186 9.83 -9.04 28.02
C ALA B 186 11.21 -8.87 27.36
N GLY B 187 11.29 -8.01 26.36
CA GLY B 187 12.56 -7.67 25.70
C GLY B 187 12.76 -8.31 24.35
N SER B 188 11.79 -9.11 23.89
CA SER B 188 11.95 -9.76 22.57
C SER B 188 11.64 -8.83 21.42
N ILE B 189 12.26 -9.13 20.26
CA ILE B 189 11.87 -8.50 18.95
C ILE B 189 11.66 -9.62 17.96
N GLY B 190 10.90 -9.38 16.91
CA GLY B 190 10.68 -10.45 15.95
C GLY B 190 10.17 -9.89 14.64
N HIS B 191 10.26 -10.75 13.63
CA HIS B 191 9.71 -10.48 12.25
C HIS B 191 8.99 -11.76 11.85
N LEU B 192 7.73 -11.68 11.51
CA LEU B 192 6.92 -12.82 10.96
C LEU B 192 6.45 -12.35 9.55
N VAL B 193 6.51 -13.24 8.57
CA VAL B 193 5.79 -12.97 7.30
C VAL B 193 4.32 -13.40 7.57
N ARG B 194 3.49 -12.39 7.77
CA ARG B 194 2.07 -12.57 8.11
C ARG B 194 1.36 -12.55 6.72
N ALA B 195 1.14 -13.73 6.15
CA ALA B 195 0.52 -13.83 4.85
C ALA B 195 0.03 -15.24 4.65
N ARG B 196 -0.94 -15.42 3.74
CA ARG B 196 -1.31 -16.76 3.27
C ARG B 196 -0.84 -16.81 1.80
N VAL B 197 -0.04 -17.84 1.49
CA VAL B 197 0.61 -17.97 0.15
C VAL B 197 0.33 -19.41 -0.32
N PRO B 198 -0.18 -19.58 -1.55
CA PRO B 198 -0.48 -20.93 -2.04
C PRO B 198 0.85 -21.60 -2.47
N SER B 199 0.88 -22.92 -2.44
CA SER B 199 2.07 -23.64 -2.84
C SER B 199 1.93 -23.89 -4.38
N ARG B 200 2.82 -23.34 -5.11
CA ARG B 200 2.75 -23.53 -6.64
C ARG B 200 4.12 -23.19 -7.23
N PRO B 201 4.30 -23.45 -8.54
CA PRO B 201 5.69 -23.28 -9.07
C PRO B 201 6.15 -21.81 -9.23
N ARG B 202 7.46 -21.62 -9.12
CA ARG B 202 8.10 -20.31 -9.29
C ARG B 202 7.77 -19.76 -10.67
N GLU B 203 7.55 -20.64 -11.66
CA GLU B 203 7.21 -20.08 -13.00
C GLU B 203 6.01 -19.15 -12.98
N ASN B 204 5.02 -19.46 -12.10
CA ASN B 204 3.81 -18.63 -12.01
C ASN B 204 4.15 -17.17 -11.63
N GLY B 205 5.36 -16.95 -11.04
CA GLY B 205 5.77 -15.59 -10.63
C GLY B 205 6.13 -14.71 -11.81
N TRP B 206 6.46 -15.33 -12.97
CA TRP B 206 7.06 -14.52 -14.08
C TRP B 206 6.08 -13.96 -15.02
N LEU B 207 5.05 -14.77 -15.32
CA LEU B 207 4.10 -14.44 -16.41
C LEU B 207 2.76 -15.09 -16.12
N PRO B 208 1.69 -14.66 -16.76
CA PRO B 208 0.44 -15.51 -16.81
C PRO B 208 0.82 -16.87 -17.35
N VAL B 209 0.22 -17.94 -16.76
CA VAL B 209 0.67 -19.28 -17.12
C VAL B 209 -0.57 -20.10 -17.61
N PRO B 210 -0.33 -21.16 -18.38
CA PRO B 210 -1.43 -21.95 -18.93
C PRO B 210 -2.39 -22.48 -17.88
N GLY B 211 -3.66 -22.14 -18.05
CA GLY B 211 -4.66 -22.64 -17.13
C GLY B 211 -5.10 -24.08 -17.43
N TRP B 212 -4.73 -24.64 -18.58
CA TRP B 212 -5.30 -25.93 -18.98
C TRP B 212 -4.38 -27.14 -18.70
N SER B 213 -3.10 -26.86 -18.50
CA SER B 213 -2.12 -27.96 -18.59
C SER B 213 -1.99 -28.73 -17.23
N GLY B 214 -2.50 -28.15 -16.14
CA GLY B 214 -2.38 -28.81 -14.84
C GLY B 214 -1.04 -28.61 -14.19
N GLU B 215 -0.11 -27.96 -14.91
CA GLU B 215 1.20 -27.79 -14.35
C GLU B 215 1.34 -26.61 -13.44
N HIS B 216 0.31 -25.74 -13.36
CA HIS B 216 0.52 -24.45 -12.66
C HIS B 216 -0.57 -24.26 -11.60
N GLU B 217 -1.22 -25.38 -11.17
CA GLU B 217 -2.30 -25.27 -10.23
C GLU B 217 -1.79 -25.08 -8.80
N TRP B 218 -2.60 -24.40 -7.98
CA TRP B 218 -2.22 -24.29 -6.55
C TRP B 218 -2.37 -25.67 -5.92
N ARG B 219 -1.36 -26.09 -5.14
CA ARG B 219 -1.38 -27.42 -4.47
C ARG B 219 -1.50 -27.15 -2.98
N GLY B 220 -2.59 -26.52 -2.56
CA GLY B 220 -2.75 -26.24 -1.13
C GLY B 220 -1.99 -24.98 -0.73
N TRP B 221 -2.02 -24.75 0.55
CA TRP B 221 -1.47 -23.55 1.16
C TRP B 221 -0.14 -23.83 1.86
N ILE B 222 0.79 -22.89 1.79
CA ILE B 222 1.97 -22.97 2.63
C ILE B 222 1.55 -22.83 4.10
N PRO B 223 1.87 -23.86 4.91
CA PRO B 223 1.34 -23.81 6.31
C PRO B 223 1.83 -22.62 7.13
N HIS B 224 1.03 -22.13 8.08
CA HIS B 224 1.44 -21.07 8.98
C HIS B 224 2.80 -21.25 9.54
N GLU B 225 3.07 -22.47 10.07
CA GLU B 225 4.34 -22.70 10.74
C GLU B 225 5.57 -22.79 9.80
N ALA B 226 5.31 -22.86 8.48
CA ALA B 226 6.40 -22.87 7.43
C ALA B 226 6.75 -21.43 7.00
N MET B 227 5.93 -20.43 7.37
CA MET B 227 6.24 -19.08 6.89
C MET B 227 7.48 -18.54 7.58
N PRO B 228 8.30 -17.74 6.81
CA PRO B 228 9.57 -17.21 7.44
C PRO B 228 9.30 -16.39 8.67
N ARG B 229 10.15 -16.62 9.66
CA ARG B 229 10.09 -15.80 10.92
C ARG B 229 11.43 -15.74 11.52
N VAL B 230 11.69 -14.69 12.29
CA VAL B 230 12.90 -14.68 13.15
C VAL B 230 12.49 -14.02 14.47
N ILE B 231 12.97 -14.54 15.59
CA ILE B 231 12.75 -13.91 16.86
C ILE B 231 14.15 -13.76 17.51
N ASP B 232 14.43 -12.57 18.07
CA ASP B 232 15.65 -12.31 18.81
C ASP B 232 16.95 -12.75 18.03
N PRO B 233 17.16 -12.16 16.84
CA PRO B 233 18.37 -12.50 16.07
C PRO B 233 19.65 -12.13 16.82
N PRO B 234 20.77 -12.78 16.47
CA PRO B 234 21.96 -12.55 17.34
C PRO B 234 22.60 -11.16 17.16
N GLY B 235 22.38 -10.50 16.01
CA GLY B 235 22.85 -9.14 15.82
C GLY B 235 21.95 -8.05 16.40
N GLY B 236 20.79 -8.41 16.98
CA GLY B 236 20.01 -7.43 17.76
C GLY B 236 19.29 -6.39 16.88
N ILE B 237 19.17 -6.63 15.56
CA ILE B 237 18.58 -5.66 14.61
C ILE B 237 17.68 -6.36 13.59
N ILE B 238 16.45 -5.89 13.46
CA ILE B 238 15.64 -6.32 12.33
CA ILE B 238 15.53 -6.34 12.43
C ILE B 238 15.27 -5.08 11.57
N VAL B 239 15.32 -5.24 10.24
CA VAL B 239 14.91 -4.17 9.30
C VAL B 239 14.06 -4.81 8.22
N THR B 240 12.92 -4.19 7.92
CA THR B 240 12.25 -4.65 6.64
C THR B 240 11.92 -3.39 5.83
N ALA B 241 11.97 -3.49 4.50
CA ALA B 241 11.66 -2.27 3.74
C ALA B 241 11.30 -2.73 2.33
N ASN B 242 10.38 -3.73 2.29
CA ASN B 242 9.81 -4.31 1.01
C ASN B 242 10.87 -5.03 0.19
N ASN B 243 12.01 -5.35 0.81
CA ASN B 243 13.16 -6.02 0.14
C ASN B 243 12.94 -7.53 0.30
N ARG B 244 13.64 -8.28 -0.54
CA ARG B 244 13.43 -9.71 -0.69
C ARG B 244 13.51 -10.42 0.70
N VAL B 245 12.45 -11.11 1.12
CA VAL B 245 12.40 -11.55 2.52
C VAL B 245 13.39 -12.70 2.74
N VAL B 246 13.33 -13.71 1.86
CA VAL B 246 14.29 -14.87 2.01
C VAL B 246 14.95 -15.10 0.68
N ALA B 247 16.04 -15.84 0.70
CA ALA B 247 16.73 -16.15 -0.55
C ALA B 247 15.84 -16.98 -1.45
N ASP B 248 16.09 -16.89 -2.76
CA ASP B 248 15.26 -17.62 -3.72
C ASP B 248 15.45 -19.14 -3.68
N ASP B 249 16.51 -19.60 -3.03
CA ASP B 249 16.64 -21.05 -2.79
C ASP B 249 15.83 -21.58 -1.58
N HIS B 250 15.03 -20.70 -0.95
CA HIS B 250 14.14 -21.17 0.08
C HIS B 250 13.30 -22.21 -0.58
N PRO B 251 12.96 -23.29 0.16
CA PRO B 251 12.17 -24.35 -0.49
C PRO B 251 10.74 -24.07 -1.01
N ASP B 252 10.02 -23.14 -0.40
CA ASP B 252 8.71 -22.70 -0.94
C ASP B 252 8.99 -21.50 -1.83
N TYR B 253 8.30 -21.43 -2.98
CA TYR B 253 8.29 -20.21 -3.78
C TYR B 253 7.44 -19.16 -3.08
N LEU B 254 8.11 -17.99 -2.79
CA LEU B 254 7.38 -16.90 -2.13
C LEU B 254 7.43 -15.63 -2.93
N CYS B 255 8.47 -15.38 -3.71
CA CYS B 255 8.65 -13.99 -4.31
C CYS B 255 9.47 -14.02 -5.54
N THR B 256 8.91 -13.34 -6.57
CA THR B 256 9.69 -12.92 -7.74
C THR B 256 10.09 -11.45 -7.70
N ASP B 257 9.08 -10.61 -7.48
CA ASP B 257 9.26 -9.15 -7.57
C ASP B 257 9.18 -8.54 -6.14
N CYS B 258 10.09 -7.59 -5.89
CA CYS B 258 10.02 -6.85 -4.61
C CYS B 258 10.77 -5.54 -4.81
N HIS B 259 10.79 -4.66 -3.77
CA HIS B 259 11.58 -3.42 -4.01
C HIS B 259 13.07 -3.75 -4.05
N PRO B 260 13.86 -2.83 -4.59
CA PRO B 260 15.33 -2.95 -4.50
C PRO B 260 15.69 -2.85 -3.01
N PRO B 261 16.88 -3.30 -2.65
CA PRO B 261 17.27 -3.28 -1.21
C PRO B 261 17.86 -1.96 -0.75
N TYR B 262 17.67 -0.86 -1.50
CA TYR B 262 18.36 0.39 -1.14
C TYR B 262 17.95 0.82 0.28
N ARG B 263 16.61 0.94 0.50
CA ARG B 263 16.13 1.50 1.78
C ARG B 263 16.53 0.55 2.94
N ALA B 264 16.30 -0.77 2.79
CA ALA B 264 16.77 -1.67 3.87
C ALA B 264 18.25 -1.52 4.14
N GLU B 265 19.09 -1.45 3.10
CA GLU B 265 20.54 -1.33 3.34
C GLU B 265 20.90 -0.02 4.05
N ARG B 266 20.21 1.07 3.71
CA ARG B 266 20.55 2.36 4.34
C ARG B 266 20.09 2.35 5.79
N ILE B 267 18.89 1.80 6.09
CA ILE B 267 18.45 1.74 7.48
C ILE B 267 19.41 0.82 8.27
N MET B 268 19.73 -0.33 7.68
CA MET B 268 20.63 -1.30 8.36
C MET B 268 22.01 -0.63 8.66
N LYS B 269 22.49 0.15 7.68
CA LYS B 269 23.80 0.81 7.86
C LYS B 269 23.80 1.76 9.07
N ARG B 270 22.71 2.56 9.10
CA ARG B 270 22.58 3.57 10.16
C ARG B 270 22.43 2.85 11.50
N LEU B 271 21.62 1.76 11.57
CA LEU B 271 21.55 1.01 12.81
C LEU B 271 22.75 0.23 13.27
N VAL B 272 23.46 -0.38 12.33
CA VAL B 272 24.72 -1.08 12.67
C VAL B 272 25.73 -0.03 13.26
N ALA B 273 25.71 1.22 12.74
CA ALA B 273 26.65 2.26 13.22
C ALA B 273 26.27 2.79 14.59
N ASN B 274 25.06 2.49 15.10
CA ASN B 274 24.55 3.06 16.40
C ASN B 274 24.09 1.88 17.31
N PRO B 275 24.99 1.31 18.04
CA PRO B 275 24.55 0.30 19.07
C PRO B 275 24.07 0.95 20.39
N ALA B 276 23.63 2.26 20.39
CA ALA B 276 22.96 2.82 21.58
C ALA B 276 21.84 3.64 20.97
N PHE B 277 20.98 2.94 20.22
CA PHE B 277 19.93 3.61 19.45
C PHE B 277 18.87 4.18 20.42
N ALA B 278 18.54 5.47 20.27
CA ALA B 278 17.58 6.15 21.20
C ALA B 278 16.29 6.45 20.43
N VAL B 279 15.18 6.64 21.18
CA VAL B 279 13.91 7.00 20.58
C VAL B 279 14.05 8.26 19.67
N ASP B 280 14.90 9.20 20.11
CA ASP B 280 15.09 10.41 19.31
C ASP B 280 15.82 10.18 17.96
N ASP B 281 16.50 9.04 17.82
CA ASP B 281 17.29 8.72 16.62
C ASP B 281 16.37 8.25 15.47
N ALA B 282 15.10 7.84 15.74
CA ALA B 282 14.31 7.33 14.65
C ALA B 282 14.06 8.41 13.57
N ALA B 283 13.75 9.64 13.98
CA ALA B 283 13.46 10.73 13.00
C ALA B 283 14.59 10.90 11.98
N ALA B 284 15.87 10.78 12.42
CA ALA B 284 16.98 11.02 11.46
C ALA B 284 17.04 9.91 10.36
N ILE B 285 16.57 8.70 10.74
CA ILE B 285 16.54 7.59 9.80
C ILE B 285 15.34 7.86 8.83
N HIS B 286 14.13 8.18 9.38
CA HIS B 286 13.00 8.53 8.54
C HIS B 286 13.36 9.58 7.46
N ALA B 287 14.28 10.50 7.82
CA ALA B 287 14.57 11.65 6.98
C ALA B 287 15.69 11.40 5.98
N ASP B 288 16.27 10.18 5.94
CA ASP B 288 17.45 9.98 5.12
C ASP B 288 17.21 10.14 3.63
N THR B 289 18.01 10.95 2.96
CA THR B 289 17.78 11.31 1.53
C THR B 289 18.91 10.89 0.63
N LEU B 290 19.85 10.02 1.06
CA LEU B 290 20.96 9.69 0.16
C LEU B 290 20.41 8.76 -0.96
N SER B 291 20.64 9.15 -2.20
CA SER B 291 20.26 8.33 -3.35
C SER B 291 21.32 7.19 -3.53
N PRO B 292 20.86 5.93 -3.75
CA PRO B 292 21.84 4.83 -4.01
C PRO B 292 22.53 4.96 -5.37
N HIS B 293 22.05 5.84 -6.29
CA HIS B 293 22.49 5.83 -7.71
C HIS B 293 23.58 6.84 -7.97
N VAL B 294 23.98 7.61 -6.94
CA VAL B 294 24.93 8.72 -7.26
C VAL B 294 26.22 8.17 -7.85
N GLY B 295 26.73 7.07 -7.30
CA GLY B 295 28.02 6.49 -7.77
C GLY B 295 27.88 6.03 -9.21
N LEU B 296 26.80 5.30 -9.54
CA LEU B 296 26.60 4.80 -10.94
C LEU B 296 26.48 5.96 -11.91
N LEU B 297 25.67 6.94 -11.52
CA LEU B 297 25.46 8.15 -12.35
C LEU B 297 26.78 8.88 -12.60
N ARG B 298 27.54 9.10 -11.53
CA ARG B 298 28.79 9.89 -11.63
C ARG B 298 29.73 9.14 -12.57
N ARG B 299 29.91 7.82 -12.36
CA ARG B 299 30.82 7.01 -13.18
C ARG B 299 30.47 7.05 -14.64
N ARG B 300 29.17 6.83 -14.94
CA ARG B 300 28.72 6.80 -16.35
C ARG B 300 28.79 8.20 -16.99
N LEU B 301 28.43 9.25 -16.25
CA LEU B 301 28.56 10.61 -16.84
C LEU B 301 29.99 11.11 -17.03
N GLU B 302 30.91 10.72 -16.12
CA GLU B 302 32.32 11.04 -16.29
C GLU B 302 32.84 10.33 -17.51
N ALA B 303 32.44 9.06 -17.70
CA ALA B 303 33.07 8.28 -18.79
C ALA B 303 32.55 8.82 -20.13
N LEU B 304 31.32 9.33 -20.11
CA LEU B 304 30.64 9.85 -21.30
C LEU B 304 31.46 11.03 -21.81
N GLY B 305 31.92 11.88 -20.88
CA GLY B 305 32.78 13.00 -21.26
C GLY B 305 32.06 14.26 -21.82
N ALA B 306 32.79 15.32 -22.20
CA ALA B 306 32.13 16.61 -22.45
C ALA B 306 31.16 16.59 -23.63
N ARG B 307 30.03 17.30 -23.48
CA ARG B 307 29.00 17.35 -24.51
C ARG B 307 29.20 18.59 -25.39
N ASP B 308 28.77 18.53 -26.66
CA ASP B 308 28.78 19.68 -27.57
C ASP B 308 27.80 20.80 -27.22
N ASP B 309 26.57 20.44 -26.82
CA ASP B 309 25.52 21.39 -26.49
C ASP B 309 25.92 22.02 -25.09
N SER B 310 26.03 23.34 -24.99
CA SER B 310 26.49 23.98 -23.75
C SER B 310 25.57 23.73 -22.52
N ALA B 311 24.24 23.75 -22.76
CA ALA B 311 23.32 23.54 -21.63
C ALA B 311 23.41 22.10 -21.15
N ALA B 312 23.55 21.13 -22.08
CA ALA B 312 23.71 19.72 -21.66
C ALA B 312 25.01 19.48 -20.86
N GLU B 313 26.09 20.14 -21.27
CA GLU B 313 27.38 20.04 -20.59
C GLU B 313 27.29 20.65 -19.18
N GLY B 314 26.57 21.77 -19.03
CA GLY B 314 26.34 22.31 -17.66
C GLY B 314 25.65 21.33 -16.78
N LEU B 315 24.54 20.72 -17.31
CA LEU B 315 23.86 19.72 -16.57
C LEU B 315 24.77 18.53 -16.26
N ARG B 316 25.54 18.04 -17.26
CA ARG B 316 26.46 16.93 -16.95
C ARG B 316 27.38 17.24 -15.78
N GLN B 317 27.96 18.44 -15.76
CA GLN B 317 28.92 18.83 -14.75
C GLN B 317 28.29 18.91 -13.39
N MET B 318 27.06 19.42 -13.32
CA MET B 318 26.44 19.55 -12.02
C MET B 318 26.13 18.11 -11.51
N LEU B 319 25.72 17.19 -12.40
CA LEU B 319 25.38 15.82 -11.93
C LEU B 319 26.61 15.02 -11.48
N VAL B 320 27.76 15.25 -12.16
CA VAL B 320 29.03 14.56 -11.80
C VAL B 320 29.48 15.05 -10.43
N ALA B 321 29.18 16.30 -10.09
CA ALA B 321 29.64 16.92 -8.83
C ALA B 321 28.64 16.72 -7.66
N TRP B 322 27.43 16.23 -8.00
CA TRP B 322 26.33 16.19 -6.99
C TRP B 322 26.65 15.28 -5.80
N ASP B 323 26.29 15.64 -4.58
CA ASP B 323 26.52 14.78 -3.39
C ASP B 323 25.51 13.65 -3.24
N GLY B 324 24.56 13.58 -4.13
CA GLY B 324 23.60 12.46 -4.17
C GLY B 324 22.46 12.61 -3.21
N ARG B 325 22.36 13.73 -2.49
CA ARG B 325 21.26 13.81 -1.48
C ARG B 325 20.02 14.47 -2.07
N MET B 326 18.88 13.80 -1.90
CA MET B 326 17.57 14.35 -2.28
C MET B 326 17.02 15.28 -1.21
N ASP B 327 17.85 16.21 -0.69
CA ASP B 327 17.42 17.14 0.36
C ASP B 327 16.42 18.14 -0.22
N ALA B 328 15.44 18.58 0.60
CA ALA B 328 14.47 19.58 0.16
C ALA B 328 15.23 20.86 -0.29
N ALA B 329 16.39 21.22 0.32
CA ALA B 329 17.03 22.47 -0.03
C ALA B 329 17.89 22.36 -1.32
N SER B 330 18.02 21.15 -1.90
CA SER B 330 18.94 20.97 -3.02
C SER B 330 18.35 21.33 -4.37
N GLU B 331 18.89 22.31 -5.09
CA GLU B 331 18.45 22.53 -6.49
C GLU B 331 19.03 21.47 -7.38
N VAL B 332 20.24 20.94 -7.10
CA VAL B 332 20.75 19.95 -8.06
C VAL B 332 19.95 18.62 -7.99
N ALA B 333 19.32 18.31 -6.85
CA ALA B 333 18.52 17.07 -6.80
C ALA B 333 17.38 17.19 -7.85
N SER B 334 16.81 18.39 -8.05
CA SER B 334 15.72 18.50 -9.03
C SER B 334 16.25 18.20 -10.41
N ALA B 335 17.50 18.65 -10.68
CA ALA B 335 18.08 18.42 -12.03
C ALA B 335 18.36 16.94 -12.24
N TYR B 336 18.82 16.24 -11.20
CA TYR B 336 18.94 14.76 -11.26
C TYR B 336 17.59 14.15 -11.60
N ASN B 337 16.51 14.58 -10.91
CA ASN B 337 15.22 13.96 -11.14
C ASN B 337 14.74 14.22 -12.63
N ALA B 338 14.91 15.47 -13.15
CA ALA B 338 14.53 15.80 -14.52
C ALA B 338 15.36 14.93 -15.46
N PHE B 339 16.64 14.83 -15.22
CA PHE B 339 17.49 13.98 -16.07
C PHE B 339 17.00 12.51 -16.10
N ARG B 340 16.66 11.97 -14.95
CA ARG B 340 16.26 10.58 -14.88
C ARG B 340 14.88 10.40 -15.49
N ARG B 341 13.97 11.37 -15.31
CA ARG B 341 12.68 11.27 -16.02
C ARG B 341 12.86 11.30 -17.55
N ALA B 342 13.72 12.21 -18.03
CA ALA B 342 13.97 12.29 -19.50
C ALA B 342 14.62 10.99 -20.02
N LEU B 343 15.58 10.44 -19.27
CA LEU B 343 16.26 9.18 -19.70
C LEU B 343 15.22 8.04 -19.76
N THR B 344 14.38 7.97 -18.72
CA THR B 344 13.32 6.87 -18.61
C THR B 344 12.38 7.02 -19.78
N ARG B 345 11.93 8.26 -20.10
CA ARG B 345 11.04 8.44 -21.25
C ARG B 345 11.68 8.05 -22.54
N LEU B 346 12.97 8.42 -22.77
CA LEU B 346 13.67 8.13 -24.04
C LEU B 346 13.77 6.59 -24.17
N VAL B 347 14.12 5.88 -23.09
CA VAL B 347 14.36 4.39 -23.13
C VAL B 347 12.98 3.70 -23.40
N THR B 348 11.93 4.19 -22.75
CA THR B 348 10.59 3.61 -22.88
C THR B 348 10.09 3.83 -24.32
N ASP B 349 10.34 5.02 -24.91
CA ASP B 349 9.99 5.27 -26.30
C ASP B 349 10.84 4.48 -27.27
N ARG B 350 12.18 4.53 -27.17
CA ARG B 350 13.01 3.83 -28.16
C ARG B 350 12.79 2.31 -28.21
N SER B 351 12.57 1.69 -27.05
CA SER B 351 12.39 0.23 -26.90
C SER B 351 11.07 -0.21 -27.57
N GLY B 352 10.13 0.72 -27.79
CA GLY B 352 8.76 0.38 -28.12
C GLY B 352 7.81 0.03 -26.97
N LEU B 353 8.36 0.05 -25.75
CA LEU B 353 7.56 -0.33 -24.59
C LEU B 353 6.43 0.67 -24.29
N GLU B 354 6.58 1.94 -24.72
CA GLU B 354 5.44 2.83 -24.46
C GLU B 354 4.14 2.31 -25.06
N GLN B 355 4.21 1.66 -26.25
CA GLN B 355 3.01 1.15 -26.89
C GLN B 355 2.57 -0.22 -26.45
N ALA B 356 3.29 -0.84 -25.49
CA ALA B 356 2.96 -2.22 -25.07
C ALA B 356 1.54 -2.25 -24.45
N ILE B 357 1.13 -1.13 -23.89
CA ILE B 357 -0.18 -1.07 -23.23
C ILE B 357 -1.38 -0.88 -24.23
N SER B 358 -1.10 -0.88 -25.55
CA SER B 358 -2.18 -0.78 -26.54
CA SER B 358 -2.16 -0.77 -26.57
C SER B 358 -2.89 -2.11 -26.73
N HIS B 359 -2.32 -3.17 -26.20
CA HIS B 359 -2.92 -4.49 -26.34
C HIS B 359 -4.17 -4.68 -25.49
N PRO B 360 -5.19 -5.43 -25.97
CA PRO B 360 -6.42 -5.67 -25.10
C PRO B 360 -6.16 -6.32 -23.76
N PHE B 361 -5.12 -7.12 -23.67
CA PHE B 361 -4.82 -7.79 -22.39
C PHE B 361 -4.27 -6.79 -21.35
N ALA B 362 -3.99 -5.54 -21.77
CA ALA B 362 -3.52 -4.50 -20.84
C ALA B 362 -4.63 -3.85 -20.01
N ALA B 363 -5.88 -4.18 -20.36
CA ALA B 363 -7.00 -3.37 -19.91
C ALA B 363 -7.50 -3.84 -18.51
N VAL B 364 -6.66 -3.71 -17.49
CA VAL B 364 -6.96 -4.07 -16.10
C VAL B 364 -6.81 -2.79 -15.30
N ALA B 365 -7.91 -2.20 -14.85
CA ALA B 365 -7.91 -0.89 -14.19
C ALA B 365 -6.97 -0.96 -12.94
N PRO B 366 -6.10 0.07 -12.68
CA PRO B 366 -5.99 1.32 -13.38
C PRO B 366 -4.98 1.30 -14.52
N GLY B 367 -4.38 0.14 -14.81
CA GLY B 367 -3.44 -0.03 -15.93
C GLY B 367 -2.01 0.12 -15.44
N VAL B 368 -1.09 -0.35 -16.27
CA VAL B 368 0.34 -0.28 -16.02
C VAL B 368 0.85 0.98 -16.72
N SER B 369 1.81 1.66 -16.11
CA SER B 369 2.55 2.78 -16.78
C SER B 369 3.93 2.25 -17.30
N PRO B 370 4.13 2.20 -18.59
CA PRO B 370 5.42 1.75 -19.10
C PRO B 370 6.58 2.55 -18.50
N GLN B 371 6.51 3.89 -18.50
CA GLN B 371 7.67 4.62 -17.92
C GLN B 371 7.79 4.28 -16.41
N GLY B 372 6.63 4.16 -15.71
CA GLY B 372 6.69 3.91 -14.29
C GLY B 372 7.37 2.58 -13.94
N GLN B 373 7.22 1.58 -14.81
CA GLN B 373 7.89 0.27 -14.57
C GLN B 373 9.36 0.33 -15.08
N VAL B 374 9.58 0.88 -16.28
CA VAL B 374 10.95 0.95 -16.86
C VAL B 374 11.87 1.76 -15.85
N TRP B 375 11.33 2.81 -15.21
CA TRP B 375 12.04 3.61 -14.24
C TRP B 375 12.88 2.78 -13.29
N TRP B 376 12.31 1.68 -12.74
CA TRP B 376 13.01 0.87 -11.70
C TRP B 376 14.00 -0.12 -12.31
N ALA B 377 13.87 -0.41 -13.63
CA ALA B 377 14.78 -1.39 -14.31
C ALA B 377 15.97 -0.69 -14.92
N VAL B 378 15.84 0.61 -15.30
CA VAL B 378 16.98 1.35 -15.88
C VAL B 378 18.32 1.23 -15.12
N PRO B 379 18.31 1.32 -13.75
CA PRO B 379 19.62 1.22 -13.04
C PRO B 379 20.33 -0.13 -13.32
N THR B 380 19.52 -1.22 -13.46
CA THR B 380 20.16 -2.54 -13.63
C THR B 380 20.75 -2.55 -15.05
N LEU B 381 19.97 -2.11 -16.04
CA LEU B 381 20.42 -2.16 -17.44
C LEU B 381 21.65 -1.24 -17.65
N LEU B 382 21.61 -0.05 -17.05
CA LEU B 382 22.75 0.88 -17.11
C LEU B 382 23.98 0.32 -16.35
N ARG B 383 23.77 -0.29 -15.17
CA ARG B 383 24.92 -0.87 -14.46
C ARG B 383 25.55 -2.02 -15.21
N ASP B 384 24.70 -2.81 -15.89
CA ASP B 384 25.21 -3.98 -16.65
C ASP B 384 25.66 -3.59 -18.08
N ASP B 385 25.39 -2.35 -18.47
CA ASP B 385 25.58 -1.84 -19.84
C ASP B 385 24.86 -2.76 -20.84
N ASP B 386 23.63 -3.13 -20.51
CA ASP B 386 22.83 -3.99 -21.39
C ASP B 386 21.97 -3.14 -22.24
N ALA B 387 22.35 -3.00 -23.53
CA ALA B 387 21.66 -2.07 -24.42
C ALA B 387 20.68 -2.84 -25.35
N GLY B 388 20.30 -4.05 -24.92
CA GLY B 388 19.48 -4.98 -25.73
C GLY B 388 18.16 -4.42 -26.14
N MET B 389 17.56 -3.57 -25.32
CA MET B 389 16.28 -2.96 -25.64
C MET B 389 16.32 -1.59 -26.33
N LEU B 390 17.51 -1.06 -26.67
CA LEU B 390 17.65 0.34 -27.17
C LEU B 390 17.65 0.43 -28.70
N LYS B 391 17.38 -0.70 -29.34
CA LYS B 391 17.30 -0.78 -30.86
C LYS B 391 18.49 -0.11 -31.50
N GLY B 392 19.69 -0.52 -31.09
CA GLY B 392 20.85 -0.01 -31.80
C GLY B 392 21.60 1.11 -31.09
N TRP B 393 20.96 1.85 -30.15
CA TRP B 393 21.64 2.89 -29.37
C TRP B 393 22.50 2.23 -28.37
N SER B 394 23.64 2.85 -28.03
CA SER B 394 24.37 2.51 -26.80
C SER B 394 23.78 3.29 -25.60
N TRP B 395 24.11 2.86 -24.35
CA TRP B 395 23.71 3.65 -23.17
C TRP B 395 24.30 5.04 -23.25
N ASP B 396 25.50 5.16 -23.81
CA ASP B 396 26.10 6.53 -23.96
C ASP B 396 25.28 7.46 -24.82
N GLN B 397 24.76 6.93 -25.94
CA GLN B 397 23.89 7.74 -26.77
C GLN B 397 22.60 8.11 -26.04
N ALA B 398 22.01 7.16 -25.30
CA ALA B 398 20.83 7.48 -24.51
C ALA B 398 21.14 8.57 -23.42
N LEU B 399 22.26 8.43 -22.70
CA LEU B 399 22.60 9.39 -21.64
C LEU B 399 22.80 10.78 -22.23
N SER B 400 23.49 10.85 -23.40
CA SER B 400 23.76 12.14 -24.07
C SER B 400 22.45 12.83 -24.51
N GLU B 401 21.53 12.04 -25.08
CA GLU B 401 20.24 12.58 -25.53
C GLU B 401 19.42 13.06 -24.30
N ALA B 402 19.42 12.24 -23.26
CA ALA B 402 18.78 12.64 -21.98
C ALA B 402 19.36 13.96 -21.38
N LEU B 403 20.69 14.19 -21.46
CA LEU B 403 21.28 15.49 -21.01
C LEU B 403 20.65 16.66 -21.83
N SER B 404 20.48 16.48 -23.15
CA SER B 404 19.91 17.55 -24.02
C SER B 404 18.46 17.82 -23.70
N VAL B 405 17.68 16.76 -23.56
CA VAL B 405 16.25 16.93 -23.38
C VAL B 405 16.12 17.60 -21.98
N ALA B 406 16.80 16.98 -20.98
CA ALA B 406 16.64 17.44 -19.56
C ALA B 406 17.09 18.87 -19.36
N SER B 407 18.12 19.30 -20.09
CA SER B 407 18.60 20.70 -19.96
C SER B 407 17.48 21.75 -20.23
N GLN B 408 16.47 21.42 -21.04
CA GLN B 408 15.28 22.31 -21.35
C GLN B 408 14.19 22.20 -20.36
N ASN B 409 14.36 21.32 -19.35
CA ASN B 409 13.34 21.05 -18.37
C ASN B 409 13.81 21.44 -16.97
N LEU B 410 14.86 22.28 -16.87
CA LEU B 410 15.36 22.66 -15.55
C LEU B 410 14.66 23.93 -15.04
N THR B 411 13.85 23.76 -14.03
CA THR B 411 13.14 24.91 -13.46
C THR B 411 14.04 25.71 -12.50
N GLY B 412 15.16 25.10 -12.03
CA GLY B 412 16.05 25.72 -11.00
C GLY B 412 15.42 25.66 -9.57
N ARG B 413 14.23 25.04 -9.39
CA ARG B 413 13.61 25.07 -8.04
C ARG B 413 14.38 24.11 -7.11
N SER B 414 14.44 24.45 -5.80
CA SER B 414 14.90 23.44 -4.86
C SER B 414 14.00 22.23 -4.94
N TRP B 415 14.60 21.07 -4.61
CA TRP B 415 13.84 19.83 -4.77
C TRP B 415 12.65 19.89 -3.88
N GLY B 416 12.69 20.50 -2.70
CA GLY B 416 11.49 20.51 -1.86
C GLY B 416 10.28 21.21 -2.57
N GLU B 417 10.54 22.32 -3.28
CA GLU B 417 9.49 23.05 -3.99
C GLU B 417 9.08 22.30 -5.28
N GLU B 418 10.07 21.68 -5.96
CA GLU B 418 9.80 20.98 -7.23
C GLU B 418 8.95 19.72 -6.90
N HIS B 419 9.27 19.06 -5.77
CA HIS B 419 8.66 17.78 -5.42
C HIS B 419 7.42 17.95 -4.52
N ARG B 420 7.13 19.18 -4.08
CA ARG B 420 6.01 19.40 -3.14
C ARG B 420 4.72 18.69 -3.67
N PRO B 421 4.10 17.85 -2.82
CA PRO B 421 2.87 17.17 -3.33
C PRO B 421 1.71 18.12 -3.51
N ARG B 422 0.89 17.84 -4.53
CA ARG B 422 -0.35 18.60 -4.70
C ARG B 422 -1.40 17.62 -4.19
N PHE B 423 -1.73 17.67 -2.90
CA PHE B 423 -2.75 16.74 -2.31
C PHE B 423 -4.04 17.12 -2.97
N THR B 424 -4.65 16.13 -3.56
CA THR B 424 -5.87 16.32 -4.32
CA THR B 424 -5.91 16.36 -4.27
C THR B 424 -7.05 15.57 -3.70
N HIS B 425 -8.05 16.30 -3.27
CA HIS B 425 -9.19 15.64 -2.71
C HIS B 425 -9.92 14.94 -3.90
N PRO B 426 -10.65 13.83 -3.64
CA PRO B 426 -11.31 13.04 -4.72
C PRO B 426 -12.31 13.84 -5.53
N LEU B 427 -12.89 14.91 -4.97
CA LEU B 427 -13.90 15.72 -5.67
C LEU B 427 -13.34 17.00 -6.27
N ALA B 428 -12.02 17.28 -6.13
CA ALA B 428 -11.48 18.56 -6.60
C ALA B 428 -11.62 18.69 -8.12
N THR B 429 -11.47 17.61 -8.89
CA THR B 429 -11.61 17.83 -10.38
C THR B 429 -13.07 17.99 -10.82
N GLN B 430 -14.02 17.43 -10.08
CA GLN B 430 -15.43 17.64 -10.37
C GLN B 430 -15.92 19.03 -9.92
N PHE B 431 -15.33 19.57 -8.81
CA PHE B 431 -15.73 20.85 -8.25
C PHE B 431 -14.50 21.74 -8.18
N PRO B 432 -14.06 22.23 -9.35
CA PRO B 432 -12.76 22.91 -9.34
C PRO B 432 -12.76 24.20 -8.56
N ALA B 433 -13.94 24.87 -8.42
CA ALA B 433 -13.98 26.13 -7.68
C ALA B 433 -13.72 25.87 -6.18
N TRP B 434 -13.84 24.62 -5.78
CA TRP B 434 -13.74 24.19 -4.38
C TRP B 434 -12.37 23.57 -4.08
N ALA B 435 -11.46 23.45 -5.07
CA ALA B 435 -10.20 22.77 -4.84
C ALA B 435 -9.38 23.47 -3.75
N GLY B 436 -9.41 24.83 -3.66
CA GLY B 436 -8.62 25.53 -2.64
C GLY B 436 -9.10 25.18 -1.23
N LEU B 437 -10.38 24.92 -1.06
CA LEU B 437 -10.90 24.48 0.23
C LEU B 437 -10.70 22.97 0.46
N LEU B 438 -10.95 22.17 -0.57
CA LEU B 438 -10.93 20.71 -0.38
C LEU B 438 -9.53 20.13 -0.28
N ASN B 439 -8.56 20.77 -0.91
CA ASN B 439 -7.20 20.15 -0.97
C ASN B 439 -6.39 20.58 0.30
N PRO B 440 -5.91 19.60 1.11
CA PRO B 440 -5.18 20.07 2.30
C PRO B 440 -3.87 20.73 1.90
N ALA B 441 -3.43 21.67 2.70
CA ALA B 441 -2.16 22.36 2.39
C ALA B 441 -0.97 21.41 2.46
N SER B 442 0.02 21.73 1.64
CA SER B 442 1.24 20.99 1.57
CA SER B 442 1.30 20.97 1.70
C SER B 442 2.50 21.88 1.73
N ARG B 443 3.56 21.32 2.26
CA ARG B 443 4.84 22.01 2.41
C ARG B 443 5.87 21.31 1.53
N PRO B 444 6.97 22.04 1.20
CA PRO B 444 8.08 21.42 0.44
C PRO B 444 8.65 20.21 1.22
N ILE B 445 8.97 19.15 0.46
CA ILE B 445 9.58 17.92 1.10
C ILE B 445 10.57 17.33 0.10
N GLY B 446 11.59 16.63 0.63
CA GLY B 446 12.58 16.00 -0.26
C GLY B 446 12.32 14.51 -0.35
N GLY B 447 13.39 13.79 -0.69
CA GLY B 447 13.32 12.34 -0.91
C GLY B 447 12.86 11.93 -2.32
N ASP B 448 13.10 10.67 -2.66
CA ASP B 448 12.46 10.10 -3.86
C ASP B 448 12.11 8.64 -3.52
N GLY B 449 11.66 7.87 -4.52
CA GLY B 449 11.26 6.50 -4.16
C GLY B 449 12.42 5.59 -3.83
N ASP B 450 13.67 6.03 -3.98
CA ASP B 450 14.85 5.13 -3.66
C ASP B 450 15.35 5.42 -2.24
N THR B 451 14.92 6.55 -1.61
CA THR B 451 15.54 6.98 -0.31
C THR B 451 14.63 6.58 0.85
N VAL B 452 15.20 6.47 2.03
CA VAL B 452 14.41 6.07 3.22
C VAL B 452 13.23 7.05 3.37
N LEU B 453 13.47 8.36 3.17
CA LEU B 453 12.37 9.36 3.15
C LEU B 453 11.78 9.14 1.75
N ALA B 454 10.83 8.18 1.66
CA ALA B 454 10.46 7.61 0.32
C ALA B 454 9.24 8.33 -0.25
N ASN B 455 9.42 9.60 -0.54
CA ASN B 455 8.41 10.40 -1.20
C ASN B 455 8.64 10.20 -2.70
N GLY B 456 7.88 9.25 -3.24
CA GLY B 456 8.04 8.83 -4.64
C GLY B 456 7.15 9.70 -5.55
N LEU B 457 7.15 9.30 -6.85
CA LEU B 457 6.51 10.15 -7.86
C LEU B 457 5.95 9.23 -8.95
N VAL B 458 5.33 9.88 -9.92
CA VAL B 458 4.80 9.18 -11.15
C VAL B 458 5.63 9.77 -12.32
N PRO B 459 6.63 9.00 -12.80
CA PRO B 459 7.66 9.62 -13.65
C PRO B 459 7.02 10.16 -14.95
N SER B 460 5.94 9.54 -15.47
CA SER B 460 5.35 10.05 -16.70
C SER B 460 4.60 11.33 -16.47
N ALA B 461 4.32 11.71 -15.23
CA ALA B 461 3.55 12.91 -14.92
C ALA B 461 4.43 14.09 -14.58
N GLY B 462 5.52 13.88 -13.88
CA GLY B 462 6.41 15.00 -13.46
C GLY B 462 7.03 14.68 -12.13
N PRO B 463 7.67 15.68 -11.56
CA PRO B 463 8.41 15.44 -10.32
C PRO B 463 7.62 15.49 -9.00
N GLN B 464 6.36 15.90 -9.02
CA GLN B 464 5.66 16.10 -7.78
C GLN B 464 5.53 14.76 -6.98
N ALA B 465 5.60 14.85 -5.65
CA ALA B 465 5.50 13.61 -4.86
C ALA B 465 4.04 13.15 -4.89
N THR B 466 3.86 11.85 -5.16
CA THR B 466 2.54 11.23 -5.20
C THR B 466 2.28 10.17 -4.15
N TYR B 467 3.33 9.69 -3.54
CA TYR B 467 3.21 8.68 -2.50
C TYR B 467 4.32 8.91 -1.49
N GLY B 468 4.19 8.36 -0.31
CA GLY B 468 5.24 8.56 0.73
C GLY B 468 4.65 8.16 2.07
N ALA B 469 5.35 8.54 3.13
CA ALA B 469 4.90 8.08 4.44
C ALA B 469 3.52 8.65 4.86
N LEU B 470 2.51 7.74 5.01
CA LEU B 470 1.21 8.24 5.43
C LEU B 470 1.21 8.57 6.90
N SER B 471 2.14 7.93 7.63
CA SER B 471 2.37 8.12 9.06
C SER B 471 3.80 7.75 9.39
N ARG B 472 4.35 8.36 10.42
CA ARG B 472 5.68 7.87 10.92
C ARG B 472 5.46 7.62 12.39
N TYR B 473 6.21 6.66 12.95
CA TYR B 473 6.01 6.33 14.36
C TYR B 473 7.27 5.76 14.95
N VAL B 474 7.32 5.86 16.29
CA VAL B 474 8.34 5.16 17.05
C VAL B 474 7.73 4.72 18.34
N PHE B 475 7.95 3.44 18.66
CA PHE B 475 7.41 2.87 19.91
C PHE B 475 8.55 2.74 20.94
N ASP B 476 8.38 3.32 22.15
CA ASP B 476 9.37 3.11 23.22
C ASP B 476 8.74 1.97 24.06
N VAL B 477 9.18 0.73 23.81
CA VAL B 477 8.45 -0.44 24.41
C VAL B 477 8.73 -0.46 25.91
N GLY B 478 7.65 -0.37 26.70
CA GLY B 478 7.80 -0.32 28.15
C GLY B 478 8.04 1.04 28.75
N ASN B 479 8.14 2.13 27.94
CA ASN B 479 8.05 3.53 28.52
C ASN B 479 7.08 4.23 27.57
N TRP B 480 5.82 3.80 27.59
CA TRP B 480 4.99 3.98 26.40
C TRP B 480 4.69 5.43 26.09
N ASP B 481 4.54 6.32 27.11
CA ASP B 481 4.25 7.71 26.80
C ASP B 481 5.35 8.43 26.13
N ASN B 482 6.56 7.82 25.94
CA ASN B 482 7.63 8.49 25.16
C ASN B 482 7.54 8.07 23.68
N SER B 483 6.50 7.27 23.34
CA SER B 483 6.34 6.89 21.96
C SER B 483 5.81 8.12 21.16
N ARG B 484 5.92 8.10 19.83
CA ARG B 484 5.58 9.32 19.03
C ARG B 484 5.00 8.89 17.73
N TRP B 485 4.28 9.80 17.07
CA TRP B 485 3.74 9.46 15.78
C TRP B 485 3.31 10.73 15.08
N VAL B 486 2.96 10.59 13.80
CA VAL B 486 2.44 11.77 13.04
C VAL B 486 1.72 11.19 11.82
N VAL B 487 0.82 11.94 11.20
CA VAL B 487 0.25 11.57 9.91
C VAL B 487 0.44 12.77 8.95
N PHE B 488 0.23 12.48 7.61
CA PHE B 488 0.71 13.50 6.64
C PHE B 488 -0.23 14.71 6.49
N HIS B 489 -1.49 14.62 6.94
CA HIS B 489 -2.34 15.85 6.93
C HIS B 489 -2.87 16.09 8.33
N GLY B 490 -3.73 15.14 8.86
CA GLY B 490 -4.30 15.42 10.20
C GLY B 490 -5.37 14.42 10.53
N ALA B 491 -5.94 14.53 11.74
CA ALA B 491 -6.93 13.59 12.18
C ALA B 491 -8.24 13.76 11.41
N SER B 492 -8.64 15.01 11.07
CA SER B 492 -9.97 15.25 10.56
C SER B 492 -9.97 14.96 9.04
N GLY B 493 -11.13 14.43 8.57
CA GLY B 493 -11.46 14.38 7.16
C GLY B 493 -12.25 15.61 6.73
N HIS B 494 -12.59 16.56 7.61
CA HIS B 494 -13.43 17.73 7.20
C HIS B 494 -12.50 18.85 6.76
N PRO B 495 -12.62 19.29 5.48
CA PRO B 495 -11.76 20.36 4.97
C PRO B 495 -11.75 21.61 5.83
N ALA B 496 -12.87 21.94 6.47
CA ALA B 496 -12.90 23.15 7.31
C ALA B 496 -12.36 23.02 8.75
N SER B 497 -12.03 21.78 9.20
CA SER B 497 -11.55 21.55 10.57
C SER B 497 -10.11 22.11 10.75
N ALA B 498 -9.85 22.63 11.96
CA ALA B 498 -8.45 22.99 12.35
C ALA B 498 -7.50 21.77 12.25
N HIS B 499 -8.06 20.55 12.30
CA HIS B 499 -7.25 19.32 12.28
C HIS B 499 -7.24 18.62 10.94
N TYR B 500 -7.64 19.30 9.86
CA TYR B 500 -7.53 18.67 8.54
C TYR B 500 -6.07 18.60 8.08
N ALA B 501 -5.24 19.63 8.33
CA ALA B 501 -3.94 19.66 7.64
C ALA B 501 -2.86 20.09 8.68
N ASP B 502 -3.17 20.10 10.01
CA ASP B 502 -2.21 20.63 11.00
C ASP B 502 -0.99 19.73 11.17
N GLN B 503 -1.14 18.43 10.97
CA GLN B 503 0.05 17.54 11.19
C GLN B 503 0.94 17.55 9.98
N ASN B 504 0.53 18.17 8.85
CA ASN B 504 1.47 18.31 7.73
C ASN B 504 2.70 19.12 8.14
N ALA B 505 2.56 20.03 9.14
CA ALA B 505 3.73 20.83 9.52
C ALA B 505 4.84 19.91 10.16
N PRO B 506 4.53 19.13 11.26
CA PRO B 506 5.56 18.22 11.77
C PRO B 506 5.96 17.18 10.75
N TRP B 507 5.00 16.62 10.02
CA TRP B 507 5.33 15.52 9.10
C TRP B 507 6.33 16.04 8.07
N SER B 508 6.13 17.28 7.57
CA SER B 508 7.02 17.77 6.52
C SER B 508 8.40 18.01 7.05
N ASP B 509 8.55 18.20 8.37
CA ASP B 509 9.87 18.41 9.02
CA ASP B 509 9.91 18.40 8.93
C ASP B 509 10.47 17.05 9.45
N CYS B 510 9.79 15.91 9.14
CA CYS B 510 10.19 14.58 9.71
C CYS B 510 10.26 14.67 11.23
N ALA B 511 9.26 15.33 11.80
CA ALA B 511 9.05 15.32 13.27
C ALA B 511 7.73 14.59 13.61
N MET B 512 7.61 14.22 14.90
CA MET B 512 6.43 13.53 15.36
C MET B 512 5.92 14.23 16.58
N VAL B 513 4.72 13.82 16.98
CA VAL B 513 4.06 14.39 18.20
C VAL B 513 3.81 13.22 19.19
N PRO B 514 3.48 13.51 20.45
CA PRO B 514 3.40 12.41 21.42
C PRO B 514 2.26 11.45 21.15
N MET B 515 2.54 10.15 21.37
CA MET B 515 1.47 9.09 21.25
C MET B 515 1.13 8.75 22.69
N LEU B 516 0.18 9.48 23.25
CA LEU B 516 -0.08 9.44 24.69
C LEU B 516 -0.87 8.24 25.14
N TYR B 517 -0.38 7.52 26.16
CA TYR B 517 -0.99 6.26 26.50
C TYR B 517 -1.66 6.38 27.89
N SER B 518 -1.02 7.07 28.83
CA SER B 518 -1.53 7.25 30.21
C SER B 518 -2.80 8.06 30.27
N TRP B 519 -3.84 7.47 30.84
CA TRP B 519 -5.12 8.13 30.96
C TRP B 519 -5.14 9.42 31.76
N ASP B 520 -4.32 9.49 32.80
CA ASP B 520 -4.36 10.73 33.57
C ASP B 520 -3.75 11.89 32.76
N ARG B 521 -2.76 11.58 31.91
CA ARG B 521 -2.16 12.61 31.10
C ARG B 521 -3.18 13.03 30.00
N ILE B 522 -3.81 12.03 29.39
CA ILE B 522 -4.79 12.30 28.35
C ILE B 522 -5.92 13.19 28.93
N ALA B 523 -6.36 12.87 30.14
CA ALA B 523 -7.50 13.60 30.74
C ALA B 523 -7.07 15.09 30.95
N ALA B 524 -5.83 15.28 31.40
CA ALA B 524 -5.30 16.56 31.79
C ALA B 524 -5.06 17.37 30.55
N GLU B 525 -4.86 16.71 29.42
CA GLU B 525 -4.55 17.44 28.21
C GLU B 525 -5.65 17.55 27.18
N ALA B 526 -6.82 16.94 27.47
CA ALA B 526 -7.88 16.90 26.49
C ALA B 526 -8.36 18.31 26.14
N VAL B 527 -8.60 18.55 24.87
CA VAL B 527 -9.18 19.83 24.41
C VAL B 527 -10.74 19.75 24.30
N THR B 528 -11.28 18.62 23.78
CA THR B 528 -12.75 18.39 23.78
C THR B 528 -12.97 17.04 24.47
N SER B 529 -14.13 16.90 25.10
CA SER B 529 -14.47 15.62 25.71
C SER B 529 -15.95 15.43 25.39
N GLN B 530 -16.32 14.20 25.04
CA GLN B 530 -17.68 13.89 24.71
C GLN B 530 -18.11 12.61 25.44
N GLU B 531 -19.38 12.54 25.84
CA GLU B 531 -19.94 11.22 26.45
C GLU B 531 -20.82 10.62 25.37
N LEU B 532 -20.60 9.34 25.09
CA LEU B 532 -21.51 8.57 24.19
C LEU B 532 -22.31 7.72 25.18
N VAL B 533 -23.64 7.81 25.14
CA VAL B 533 -24.43 7.25 26.23
C VAL B 533 -25.46 6.27 25.69
N PRO B 534 -25.84 5.30 26.53
CA PRO B 534 -26.94 4.42 26.15
C PRO B 534 -28.21 5.17 25.77
N ALA B 535 -28.96 4.64 24.78
CA ALA B 535 -30.19 5.21 24.27
C ALA B 535 -31.17 4.19 24.66
N GLJ C . 1.08 0.32 3.74
CA GLJ C . 1.67 -0.95 4.01
C GLJ C . 0.94 -1.76 4.53
O GLJ C . 0.77 -2.71 3.79
CB GLJ C . 2.95 -1.02 4.77
CG GLJ C . 3.71 -1.42 3.64
CD GLJ C . 4.14 -0.33 2.74
OE1 GLJ C . 3.01 0.25 2.09
OE2 GLJ C . 5.03 -0.94 1.75
OXT GLJ C . 0.26 -1.24 5.46
#